data_7V3Q
#
_entry.id   7V3Q
#
_cell.length_a   43.632
_cell.length_b   126.696
_cell.length_c   158.201
_cell.angle_alpha   90.000
_cell.angle_beta   90.000
_cell.angle_gamma   90.000
#
_symmetry.space_group_name_H-M   'P 21 21 21'
#
loop_
_entity.id
_entity.type
_entity.pdbx_description
1 polymer 'Fab 16A Light Chain'
2 polymer 'Fab 16A Heavy Chain'
#
loop_
_entity_poly.entity_id
_entity_poly.type
_entity_poly.pdbx_seq_one_letter_code
_entity_poly.pdbx_strand_id
1 'polypeptide(L)'
;QAVVTQESALTTSPGETVTLTCRSSTGAVITSNYANWVQEKPDHLFTGLIGRTYNRVPGVPARFSGSLIGDKAALTITGA
QTEDEAIYFCALWYSNHFVFGGGTKLTVLKRTVAAPSVFIFPPSDEQLKSGTASVVCLLNNFYPREAKVQWKVDNALQSG
NSQESVTEQDSKDSTYSLSSTLTLSKADYEKHKVYACEVTHQGLSSPVTKSFNRGEC
;
A,C
2 'polypeptide(L)'
;MEVKLHQSGGGLVQPGGFLKISCVVSGIDFSRYWMSWVRRAPGKGLEWIGEITPDSNTINYVPSLKDNFGISRDNAKNTL
FLQMTKVRSEDTALYFCASYYEGFAYWGQGTLVTVSAASTKGPSVFPLAPSSKSTSGGTAALGCLVKDYFPEPVTVSWNS
GALTSGVHTFPAVLQSSGLYSLSSVVTVPSSSLGTQTYICNVNHKPSNTKVDKKVEENLYFQ
;
B,D
#
# COMPACT_ATOMS: atom_id res chain seq x y z
N ALA A 2 -7.72 -6.44 -4.26
CA ALA A 2 -8.72 -6.09 -3.24
C ALA A 2 -8.20 -6.35 -1.83
N VAL A 3 -8.41 -5.38 -0.95
CA VAL A 3 -7.92 -5.43 0.42
C VAL A 3 -9.10 -5.24 1.36
N VAL A 4 -9.21 -6.12 2.35
CA VAL A 4 -10.25 -6.03 3.37
C VAL A 4 -9.61 -5.55 4.67
N THR A 5 -10.15 -4.46 5.22
CA THR A 5 -9.56 -3.77 6.36
C THR A 5 -10.51 -3.74 7.54
N GLN A 6 -9.97 -3.91 8.75
CA GLN A 6 -10.73 -3.75 9.99
C GLN A 6 -9.91 -2.96 11.00
N GLU A 7 -10.61 -2.44 12.01
CA GLU A 7 -9.96 -1.86 13.18
C GLU A 7 -9.01 -2.87 13.81
N SER A 8 -7.79 -2.42 14.09
CA SER A 8 -6.78 -3.35 14.61
C SER A 8 -7.17 -3.87 15.99
N ALA A 9 -7.77 -3.02 16.82
CA ALA A 9 -8.17 -3.42 18.17
C ALA A 9 -9.22 -2.45 18.69
N LEU A 10 -10.16 -2.97 19.47
CA LEU A 10 -11.17 -2.15 20.13
C LEU A 10 -11.33 -2.62 21.57
N THR A 11 -11.66 -1.68 22.46
CA THR A 11 -11.86 -1.96 23.86
C THR A 11 -13.27 -1.57 24.28
N THR A 12 -13.88 -2.42 25.10
CA THR A 12 -15.17 -2.15 25.71
C THR A 12 -15.20 -2.82 27.07
N SER A 13 -16.29 -2.61 27.80
CA SER A 13 -16.50 -3.15 29.13
C SER A 13 -17.74 -4.02 29.13
N PRO A 14 -17.91 -4.90 30.12
CA PRO A 14 -19.09 -5.78 30.12
C PRO A 14 -20.40 -5.00 30.15
N GLY A 15 -21.33 -5.42 29.31
CA GLY A 15 -22.65 -4.84 29.25
C GLY A 15 -22.84 -3.74 28.22
N GLU A 16 -21.76 -3.15 27.73
CA GLU A 16 -21.89 -2.10 26.72
C GLU A 16 -22.22 -2.73 25.36
N THR A 17 -22.39 -1.88 24.36
CA THR A 17 -22.65 -2.32 22.99
C THR A 17 -21.49 -1.88 22.11
N VAL A 18 -20.90 -2.83 21.40
CA VAL A 18 -19.72 -2.57 20.59
C VAL A 18 -20.02 -2.98 19.16
N THR A 19 -19.40 -2.27 18.21
CA THR A 19 -19.60 -2.52 16.79
C THR A 19 -18.25 -2.60 16.10
N LEU A 20 -18.02 -3.70 15.40
CA LEU A 20 -16.83 -3.90 14.59
C LEU A 20 -17.16 -3.61 13.15
N THR A 21 -16.23 -2.97 12.44
CA THR A 21 -16.45 -2.65 11.04
C THR A 21 -15.51 -3.46 10.16
N CYS A 22 -15.82 -3.48 8.87
CA CYS A 22 -15.04 -4.20 7.88
C CYS A 22 -15.17 -3.49 6.55
N ARG A 23 -14.05 -3.17 5.92
CA ARG A 23 -14.03 -2.22 4.81
C ARG A 23 -13.54 -2.88 3.53
N SER A 24 -14.25 -2.66 2.42
CA SER A 24 -13.80 -3.08 1.10
C SER A 24 -12.89 -2.02 0.50
N SER A 25 -11.71 -2.45 0.05
CA SER A 25 -10.81 -1.52 -0.64
C SER A 25 -11.38 -1.06 -1.97
N THR A 26 -12.37 -1.77 -2.50
CA THR A 26 -12.98 -1.38 -3.77
C THR A 26 -14.15 -0.43 -3.63
N GLY A 27 -14.60 -0.16 -2.40
CA GLY A 27 -15.74 0.72 -2.21
C GLY A 27 -16.74 0.21 -1.20
N ALA A 28 -18.01 0.51 -1.41
CA ALA A 28 -19.03 0.12 -0.47
C ALA A 28 -19.22 -1.39 -0.50
N VAL A 29 -19.32 -1.99 0.70
CA VAL A 29 -19.58 -3.42 0.80
C VAL A 29 -21.03 -3.68 0.45
N ILE A 30 -21.27 -4.53 -0.55
CA ILE A 30 -22.61 -4.83 -1.02
C ILE A 30 -22.95 -6.27 -0.64
N THR A 31 -24.23 -6.61 -0.75
CA THR A 31 -24.66 -7.96 -0.38
C THR A 31 -23.96 -9.02 -1.24
N SER A 32 -23.57 -8.66 -2.47
CA SER A 32 -22.77 -9.56 -3.29
C SER A 32 -21.47 -9.97 -2.61
N ASN A 33 -21.03 -9.25 -1.58
CA ASN A 33 -19.80 -9.57 -0.88
C ASN A 33 -19.98 -10.64 0.18
N TYR A 34 -21.21 -10.97 0.55
CA TYR A 34 -21.52 -12.08 1.45
C TYR A 34 -20.67 -12.05 2.72
N ALA A 35 -20.68 -10.90 3.39
CA ALA A 35 -19.79 -10.68 4.53
C ALA A 35 -19.96 -11.77 5.58
N ASN A 36 -18.84 -12.36 6.00
CA ASN A 36 -18.81 -13.39 7.03
C ASN A 36 -17.99 -12.89 8.22
N TRP A 37 -18.37 -13.32 9.41
CA TRP A 37 -17.69 -12.95 10.65
C TRP A 37 -17.31 -14.20 11.42
N VAL A 38 -16.02 -14.39 11.65
CA VAL A 38 -15.50 -15.53 12.41
C VAL A 38 -14.72 -15.02 13.61
N GLN A 39 -14.83 -15.75 14.73
CA GLN A 39 -14.20 -15.40 16.00
C GLN A 39 -13.08 -16.39 16.33
N GLU A 40 -11.96 -15.87 16.84
CA GLU A 40 -10.83 -16.70 17.26
C GLU A 40 -10.59 -16.53 18.74
N LYS A 41 -10.70 -17.61 19.49
CA LYS A 41 -10.41 -17.68 20.91
C LYS A 41 -9.07 -18.37 21.16
N PRO A 42 -8.52 -18.27 22.40
CA PRO A 42 -7.22 -18.91 22.68
C PRO A 42 -7.13 -20.38 22.31
N ASP A 43 -5.90 -20.84 22.10
CA ASP A 43 -5.63 -22.17 21.58
C ASP A 43 -6.37 -22.39 20.26
N HIS A 44 -6.41 -21.33 19.45
CA HIS A 44 -6.87 -21.39 18.05
C HIS A 44 -8.25 -22.02 17.95
N LEU A 45 -9.24 -21.36 18.51
CA LEU A 45 -10.57 -21.95 18.44
C LEU A 45 -11.42 -20.99 17.62
N PHE A 46 -12.03 -21.49 16.56
CA PHE A 46 -12.70 -20.63 15.59
C PHE A 46 -14.21 -20.87 15.63
N THR A 47 -14.98 -19.78 15.57
CA THR A 47 -16.43 -19.88 15.57
C THR A 47 -16.98 -18.94 14.51
N GLY A 48 -17.72 -19.49 13.54
CA GLY A 48 -18.45 -18.68 12.61
C GLY A 48 -19.65 -18.04 13.29
N LEU A 49 -19.75 -16.71 13.22
CA LEU A 49 -20.85 -15.99 13.86
C LEU A 49 -21.90 -15.53 12.87
N ILE A 50 -21.48 -14.89 11.78
CA ILE A 50 -22.38 -14.33 10.79
C ILE A 50 -21.95 -14.81 9.41
N GLY A 51 -22.94 -15.14 8.57
CA GLY A 51 -22.69 -15.44 7.18
C GLY A 51 -23.71 -14.75 6.31
N ARG A 52 -23.30 -14.41 5.09
CA ARG A 52 -24.16 -13.72 4.12
C ARG A 52 -24.75 -12.44 4.72
N THR A 53 -23.86 -11.62 5.29
CA THR A 53 -24.16 -10.28 5.81
C THR A 53 -25.01 -10.26 7.06
N TYR A 54 -26.22 -10.82 7.02
CA TYR A 54 -27.16 -10.68 8.13
C TYR A 54 -27.46 -11.98 8.86
N ASN A 55 -27.20 -13.13 8.26
CA ASN A 55 -27.65 -14.39 8.81
C ASN A 55 -26.78 -14.83 9.98
N ARG A 56 -27.43 -15.20 11.07
CA ARG A 56 -26.75 -15.81 12.20
C ARG A 56 -26.50 -17.28 11.90
N VAL A 57 -25.27 -17.73 12.14
CA VAL A 57 -24.98 -19.15 11.98
C VAL A 57 -25.72 -19.92 13.07
N PRO A 58 -26.37 -21.06 12.76
CA PRO A 58 -27.16 -21.77 13.78
C PRO A 58 -26.38 -22.06 15.05
N GLY A 59 -26.86 -21.54 16.18
CA GLY A 59 -26.22 -21.73 17.46
C GLY A 59 -25.52 -20.50 18.01
N VAL A 60 -25.37 -19.46 17.21
CA VAL A 60 -24.65 -18.26 17.65
C VAL A 60 -25.59 -17.44 18.52
N PRO A 61 -25.13 -16.90 19.65
CA PRO A 61 -26.04 -16.18 20.55
C PRO A 61 -26.68 -14.97 19.89
N ALA A 62 -27.81 -14.56 20.45
CA ALA A 62 -28.59 -13.48 19.85
C ALA A 62 -27.92 -12.12 20.03
N ARG A 63 -26.94 -11.99 20.92
CA ARG A 63 -26.26 -10.72 21.10
C ARG A 63 -25.32 -10.40 19.96
N PHE A 64 -25.06 -11.34 19.05
CA PHE A 64 -24.27 -11.08 17.86
C PHE A 64 -25.18 -10.73 16.69
N SER A 65 -24.92 -9.59 16.04
CA SER A 65 -25.69 -9.14 14.89
C SER A 65 -24.75 -8.74 13.77
N GLY A 66 -25.09 -9.13 12.54
CA GLY A 66 -24.35 -8.72 11.36
C GLY A 66 -25.19 -7.81 10.47
N SER A 67 -24.57 -6.72 10.01
CA SER A 67 -25.30 -5.68 9.30
C SER A 67 -24.38 -5.00 8.31
N LEU A 68 -24.99 -4.20 7.43
CA LEU A 68 -24.29 -3.25 6.57
C LEU A 68 -24.55 -1.86 7.11
N ILE A 69 -23.49 -1.14 7.47
CA ILE A 69 -23.57 0.21 8.00
C ILE A 69 -22.73 1.10 7.09
N GLY A 70 -23.40 2.00 6.36
CA GLY A 70 -22.68 2.86 5.43
C GLY A 70 -21.95 2.05 4.38
N ASP A 71 -20.65 2.24 4.27
CA ASP A 71 -19.83 1.56 3.28
C ASP A 71 -19.15 0.31 3.82
N LYS A 72 -19.49 -0.12 5.04
CA LYS A 72 -18.78 -1.22 5.68
C LYS A 72 -19.77 -2.27 6.16
N ALA A 73 -19.28 -3.50 6.30
CA ALA A 73 -20.00 -4.54 7.00
C ALA A 73 -19.67 -4.45 8.48
N ALA A 74 -20.60 -4.90 9.31
CA ALA A 74 -20.50 -4.59 10.72
C ALA A 74 -21.02 -5.73 11.58
N LEU A 75 -20.31 -5.98 12.68
CA LEU A 75 -20.71 -6.96 13.70
C LEU A 75 -20.95 -6.20 14.99
N THR A 76 -22.14 -6.37 15.56
CA THR A 76 -22.55 -5.64 16.76
C THR A 76 -22.78 -6.62 17.89
N ILE A 77 -22.13 -6.36 19.03
CA ILE A 77 -22.30 -7.16 20.24
C ILE A 77 -23.10 -6.33 21.24
N THR A 78 -24.37 -6.68 21.42
CA THR A 78 -25.24 -5.99 22.37
C THR A 78 -25.16 -6.68 23.72
N GLY A 79 -24.56 -6.01 24.70
CA GLY A 79 -24.32 -6.63 25.98
C GLY A 79 -23.08 -7.50 25.95
N ALA A 80 -21.91 -6.87 25.78
CA ALA A 80 -20.68 -7.62 25.60
C ALA A 80 -20.29 -8.34 26.89
N GLN A 81 -19.90 -9.60 26.74
CA GLN A 81 -19.44 -10.42 27.85
C GLN A 81 -17.92 -10.57 27.79
N THR A 82 -17.34 -10.95 28.92
CA THR A 82 -15.90 -11.15 28.99
C THR A 82 -15.48 -12.32 28.12
N GLU A 83 -16.36 -13.32 27.97
CA GLU A 83 -16.13 -14.43 27.06
C GLU A 83 -16.06 -14.01 25.61
N ASP A 84 -16.54 -12.80 25.28
CA ASP A 84 -16.44 -12.27 23.93
C ASP A 84 -15.09 -11.63 23.63
N GLU A 85 -14.18 -11.58 24.60
CA GLU A 85 -12.85 -11.05 24.36
C GLU A 85 -12.08 -12.03 23.48
N ALA A 86 -11.87 -11.66 22.22
CA ALA A 86 -11.30 -12.57 21.23
C ALA A 86 -10.85 -11.75 20.02
N ILE A 87 -10.49 -12.44 18.95
CA ILE A 87 -10.11 -11.83 17.68
C ILE A 87 -11.21 -12.16 16.67
N TYR A 88 -11.78 -11.13 16.05
CA TYR A 88 -12.89 -11.30 15.14
C TYR A 88 -12.43 -11.03 13.71
N PHE A 89 -12.58 -12.02 12.84
CA PHE A 89 -12.17 -11.92 11.46
C PHE A 89 -13.39 -11.72 10.56
N CYS A 90 -13.21 -10.89 9.54
CA CYS A 90 -14.25 -10.62 8.56
C CYS A 90 -13.75 -11.00 7.18
N ALA A 91 -14.54 -11.81 6.47
CA ALA A 91 -14.23 -12.21 5.10
C ALA A 91 -15.25 -11.61 4.15
N LEU A 92 -14.76 -11.16 2.99
CA LEU A 92 -15.61 -10.60 1.94
C LEU A 92 -15.48 -11.44 0.68
N TRP A 93 -16.61 -11.70 0.03
CA TRP A 93 -16.63 -12.49 -1.18
C TRP A 93 -16.40 -11.58 -2.38
N TYR A 94 -15.33 -11.82 -3.12
CA TYR A 94 -14.99 -11.05 -4.31
C TYR A 94 -15.15 -11.99 -5.51
N SER A 95 -16.41 -12.17 -5.92
CA SER A 95 -16.79 -12.88 -7.14
C SER A 95 -16.51 -14.38 -7.10
N ASN A 96 -15.29 -14.79 -6.74
CA ASN A 96 -14.96 -16.21 -6.78
C ASN A 96 -14.06 -16.68 -5.64
N HIS A 97 -13.86 -15.88 -4.61
CA HIS A 97 -13.01 -16.27 -3.49
C HIS A 97 -13.31 -15.37 -2.31
N PHE A 98 -12.92 -15.84 -1.13
CA PHE A 98 -13.07 -15.08 0.10
C PHE A 98 -11.75 -14.41 0.45
N VAL A 99 -11.86 -13.23 1.06
CA VAL A 99 -10.69 -12.50 1.52
C VAL A 99 -10.96 -12.08 2.96
N PHE A 100 -10.20 -12.64 3.90
CA PHE A 100 -10.33 -12.25 5.29
C PHE A 100 -9.56 -10.98 5.53
N GLY A 101 -9.99 -10.23 6.54
CA GLY A 101 -9.29 -9.04 6.97
C GLY A 101 -8.22 -9.37 8.00
N GLY A 102 -7.50 -8.33 8.43
CA GLY A 102 -6.43 -8.51 9.40
C GLY A 102 -6.88 -8.95 10.77
N GLY A 103 -8.15 -8.78 11.10
CA GLY A 103 -8.64 -9.14 12.41
C GLY A 103 -8.76 -7.93 13.33
N THR A 104 -9.64 -8.06 14.32
CA THR A 104 -9.86 -7.02 15.33
C THR A 104 -9.76 -7.65 16.71
N LYS A 105 -8.85 -7.13 17.53
CA LYS A 105 -8.70 -7.62 18.90
C LYS A 105 -9.72 -6.89 19.76
N LEU A 106 -10.79 -7.57 20.14
CA LEU A 106 -11.78 -6.99 21.03
C LEU A 106 -11.38 -7.29 22.45
N THR A 107 -11.28 -6.24 23.26
CA THR A 107 -11.00 -6.36 24.68
C THR A 107 -12.25 -5.94 25.44
N VAL A 108 -12.81 -6.87 26.21
CA VAL A 108 -13.90 -6.56 27.13
C VAL A 108 -13.29 -6.56 28.52
N LEU A 109 -13.24 -5.39 29.15
CA LEU A 109 -12.41 -5.14 30.32
C LEU A 109 -12.71 -6.13 31.44
N LYS A 110 -11.76 -7.02 31.72
CA LYS A 110 -11.86 -7.93 32.85
C LYS A 110 -11.30 -7.35 34.14
N ARG A 111 -10.53 -6.27 34.04
CA ARG A 111 -9.88 -5.67 35.19
C ARG A 111 -9.42 -4.27 34.80
N THR A 112 -8.65 -3.63 35.68
CA THR A 112 -8.10 -2.33 35.39
C THR A 112 -7.00 -2.44 34.33
N VAL A 113 -6.83 -1.36 33.56
CA VAL A 113 -5.76 -1.30 32.57
C VAL A 113 -4.42 -1.42 33.26
N ALA A 114 -3.56 -2.29 32.73
CA ALA A 114 -2.24 -2.58 33.31
C ALA A 114 -1.15 -2.18 32.33
N ALA A 115 -0.29 -1.26 32.75
CA ALA A 115 0.83 -0.85 31.92
C ALA A 115 1.92 -1.91 31.95
N PRO A 116 2.75 -1.97 30.90
CA PRO A 116 3.87 -2.91 30.90
C PRO A 116 5.15 -2.27 31.43
N SER A 117 6.02 -3.12 31.95
CA SER A 117 7.37 -2.71 32.29
C SER A 117 8.30 -3.16 31.17
N VAL A 118 9.12 -2.24 30.67
CA VAL A 118 9.88 -2.45 29.45
C VAL A 118 11.33 -2.68 29.81
N PHE A 119 11.94 -3.69 29.19
CA PHE A 119 13.33 -4.02 29.41
C PHE A 119 13.99 -4.29 28.06
N ILE A 120 15.22 -3.81 27.89
CA ILE A 120 15.99 -4.01 26.67
C ILE A 120 17.26 -4.78 27.01
N PHE A 121 17.59 -5.76 26.17
CA PHE A 121 18.80 -6.56 26.34
C PHE A 121 19.68 -6.43 25.11
N PRO A 122 20.91 -5.95 25.22
CA PRO A 122 21.81 -5.92 24.07
C PRO A 122 22.34 -7.30 23.77
N PRO A 123 22.87 -7.53 22.56
CA PRO A 123 23.41 -8.85 22.24
C PRO A 123 24.59 -9.23 23.12
N SER A 124 24.68 -10.53 23.42
CA SER A 124 25.84 -11.04 24.14
C SER A 124 27.07 -11.01 23.25
N ASP A 125 28.23 -10.83 23.89
CA ASP A 125 29.50 -10.92 23.16
C ASP A 125 29.72 -12.32 22.61
N GLU A 126 29.23 -13.34 23.33
CA GLU A 126 29.33 -14.71 22.83
C GLU A 126 28.59 -14.86 21.52
N GLN A 127 27.40 -14.24 21.42
CA GLN A 127 26.69 -14.22 20.15
C GLN A 127 27.43 -13.38 19.13
N LEU A 128 28.01 -12.26 19.57
CA LEU A 128 28.74 -11.40 18.65
C LEU A 128 29.90 -12.15 18.01
N LYS A 129 30.49 -13.11 18.73
CA LYS A 129 31.54 -13.93 18.14
C LYS A 129 30.99 -14.84 17.05
N SER A 130 29.72 -15.23 17.17
CA SER A 130 29.07 -15.99 16.10
C SER A 130 28.98 -15.20 14.80
N GLY A 131 28.88 -13.88 14.89
CA GLY A 131 28.67 -13.05 13.72
C GLY A 131 27.25 -12.53 13.53
N THR A 132 26.36 -12.75 14.49
CA THR A 132 25.03 -12.17 14.47
C THR A 132 24.78 -11.42 15.77
N ALA A 133 23.81 -10.52 15.74
CA ALA A 133 23.46 -9.71 16.90
C ALA A 133 21.94 -9.67 17.03
N SER A 134 21.44 -9.91 18.24
CA SER A 134 20.01 -9.87 18.51
C SER A 134 19.74 -8.98 19.70
N VAL A 135 18.87 -7.99 19.53
CA VAL A 135 18.41 -7.13 20.60
C VAL A 135 17.03 -7.62 21.03
N VAL A 136 16.86 -7.87 22.32
CA VAL A 136 15.62 -8.43 22.86
C VAL A 136 14.91 -7.33 23.65
N CYS A 137 13.64 -7.09 23.31
CA CYS A 137 12.80 -6.16 24.03
C CYS A 137 11.72 -6.95 24.76
N LEU A 138 11.51 -6.64 26.04
CA LEU A 138 10.57 -7.39 26.88
C LEU A 138 9.51 -6.45 27.44
N LEU A 139 8.26 -6.86 27.34
CA LEU A 139 7.12 -6.19 27.95
C LEU A 139 6.51 -7.17 28.93
N ASN A 140 6.38 -6.77 30.20
CA ASN A 140 5.95 -7.69 31.24
C ASN A 140 4.62 -7.24 31.85
N ASN A 141 3.65 -8.16 31.84
CA ASN A 141 2.38 -8.03 32.55
C ASN A 141 1.64 -6.74 32.16
N PHE A 142 1.16 -6.73 30.93
CA PHE A 142 0.29 -5.67 30.44
C PHE A 142 -1.07 -6.24 30.05
N TYR A 143 -2.09 -5.39 30.14
CA TYR A 143 -3.47 -5.69 29.75
C TYR A 143 -4.11 -4.38 29.37
N PRO A 144 -4.83 -4.29 28.23
CA PRO A 144 -5.09 -5.27 27.17
C PRO A 144 -3.85 -5.76 26.41
N ARG A 145 -4.05 -6.72 25.52
CA ARG A 145 -2.94 -7.26 24.73
C ARG A 145 -2.40 -6.22 23.75
N GLU A 146 -3.29 -5.49 23.08
CA GLU A 146 -2.85 -4.62 21.98
C GLU A 146 -1.85 -3.60 22.47
N ALA A 147 -0.69 -3.58 21.82
CA ALA A 147 0.40 -2.67 22.13
C ALA A 147 1.30 -2.59 20.91
N LYS A 148 1.93 -1.45 20.72
CA LYS A 148 2.79 -1.22 19.57
C LYS A 148 4.24 -1.17 20.03
N VAL A 149 5.04 -2.10 19.52
CA VAL A 149 6.46 -2.19 19.83
C VAL A 149 7.20 -1.86 18.55
N GLN A 150 7.88 -0.72 18.53
CA GLN A 150 8.59 -0.24 17.35
C GLN A 150 10.08 -0.20 17.64
N TRP A 151 10.87 -0.74 16.72
CA TRP A 151 12.32 -0.72 16.82
C TRP A 151 12.85 0.50 16.08
N LYS A 152 13.73 1.25 16.74
CA LYS A 152 14.34 2.43 16.16
C LYS A 152 15.85 2.28 16.24
N VAL A 153 16.50 2.20 15.08
CA VAL A 153 17.95 2.11 14.99
C VAL A 153 18.44 3.46 14.52
N ASP A 154 19.12 4.19 15.41
CA ASP A 154 19.55 5.57 15.15
C ASP A 154 18.35 6.45 14.79
N ASN A 155 17.27 6.30 15.55
CA ASN A 155 16.03 7.05 15.41
C ASN A 155 15.29 6.70 14.12
N ALA A 156 15.74 5.69 13.39
CA ALA A 156 15.09 5.25 12.16
C ALA A 156 14.19 4.06 12.47
N LEU A 157 12.91 4.19 12.12
CA LEU A 157 11.97 3.09 12.31
C LEU A 157 12.33 1.91 11.43
N GLN A 158 12.41 0.73 12.04
CA GLN A 158 12.80 -0.49 11.35
C GLN A 158 11.58 -1.32 10.96
N SER A 159 11.79 -2.24 10.03
CA SER A 159 10.72 -3.07 9.50
C SER A 159 11.33 -4.29 8.83
N GLY A 160 10.65 -5.43 8.95
CA GLY A 160 11.08 -6.64 8.29
C GLY A 160 12.26 -7.36 8.93
N ASN A 161 12.69 -6.94 10.11
CA ASN A 161 13.85 -7.54 10.77
C ASN A 161 13.59 -7.85 12.24
N SER A 162 12.33 -7.87 12.66
CA SER A 162 12.00 -8.17 14.05
C SER A 162 10.78 -9.09 14.09
N GLN A 163 10.80 -10.05 15.02
CA GLN A 163 9.73 -11.01 15.16
C GLN A 163 9.26 -11.03 16.61
N GLU A 164 7.94 -11.16 16.79
CA GLU A 164 7.29 -10.97 18.07
C GLU A 164 6.77 -12.30 18.61
N SER A 165 6.62 -12.37 19.92
CA SER A 165 6.08 -13.56 20.59
C SER A 165 5.37 -13.14 21.87
N VAL A 166 4.25 -13.79 22.17
CA VAL A 166 3.41 -13.43 23.31
C VAL A 166 3.12 -14.67 24.13
N THR A 167 2.99 -14.47 25.44
CA THR A 167 2.60 -15.56 26.32
C THR A 167 1.09 -15.75 26.30
N GLU A 168 0.64 -16.88 26.83
CA GLU A 168 -0.78 -17.08 27.02
C GLU A 168 -1.28 -16.14 28.12
N GLN A 169 -2.54 -15.73 28.00
CA GLN A 169 -3.13 -14.85 29.00
C GLN A 169 -3.10 -15.51 30.38
N ASP A 170 -2.70 -14.75 31.39
CA ASP A 170 -2.61 -15.30 32.74
C ASP A 170 -4.00 -15.58 33.31
N SER A 171 -4.18 -16.79 33.82
CA SER A 171 -5.47 -17.20 34.35
C SER A 171 -5.85 -16.48 35.64
N LYS A 172 -4.90 -15.84 36.32
CA LYS A 172 -5.15 -15.24 37.63
C LYS A 172 -5.17 -13.71 37.63
N ASP A 173 -4.52 -13.05 36.66
CA ASP A 173 -4.58 -11.59 36.64
C ASP A 173 -4.62 -11.00 35.23
N SER A 174 -4.95 -11.81 34.21
CA SER A 174 -5.31 -11.36 32.88
C SER A 174 -4.16 -10.67 32.14
N THR A 175 -2.94 -10.76 32.64
CA THR A 175 -1.82 -10.05 32.04
C THR A 175 -1.18 -10.85 30.92
N TYR A 176 -0.53 -10.14 29.99
CA TYR A 176 0.23 -10.73 28.91
C TYR A 176 1.69 -10.29 29.03
N SER A 177 2.58 -11.10 28.49
CA SER A 177 3.99 -10.75 28.34
C SER A 177 4.38 -10.94 26.87
N LEU A 178 5.28 -10.07 26.40
CA LEU A 178 5.63 -10.07 24.99
C LEU A 178 7.14 -9.99 24.83
N SER A 179 7.66 -10.63 23.79
CA SER A 179 9.07 -10.61 23.45
C SER A 179 9.26 -10.11 22.03
N SER A 180 10.08 -9.08 21.87
CA SER A 180 10.43 -8.53 20.57
C SER A 180 11.92 -8.70 20.36
N THR A 181 12.29 -9.46 19.33
CA THR A 181 13.69 -9.72 19.02
C THR A 181 14.05 -9.14 17.67
N LEU A 182 15.08 -8.31 17.63
CA LEU A 182 15.59 -7.69 16.41
C LEU A 182 16.95 -8.31 16.10
N THR A 183 17.05 -8.98 14.96
CA THR A 183 18.27 -9.68 14.57
C THR A 183 18.92 -8.99 13.38
N LEU A 184 20.24 -8.88 13.43
CA LEU A 184 21.03 -8.21 12.40
C LEU A 184 22.35 -8.94 12.22
N SER A 185 22.94 -8.77 11.03
CA SER A 185 24.36 -8.97 10.80
C SER A 185 25.21 -8.43 11.94
N LYS A 186 26.33 -9.10 12.25
CA LYS A 186 27.37 -8.43 13.03
C LYS A 186 27.85 -7.19 12.29
N ALA A 187 27.91 -7.25 10.96
CA ALA A 187 28.26 -6.09 10.17
C ALA A 187 27.21 -5.00 10.35
N ASP A 188 25.95 -5.30 10.01
CA ASP A 188 24.88 -4.30 10.09
C ASP A 188 24.68 -3.81 11.50
N TYR A 189 24.97 -4.64 12.50
CA TYR A 189 24.87 -4.16 13.88
C TYR A 189 25.89 -3.07 14.16
N GLU A 190 27.13 -3.27 13.69
CA GLU A 190 28.21 -2.34 13.97
C GLU A 190 28.17 -1.08 13.12
N LYS A 191 27.26 -1.01 12.15
CA LYS A 191 27.14 0.21 11.35
C LYS A 191 26.16 1.21 11.97
N HIS A 192 25.75 1.00 13.22
CA HIS A 192 24.79 1.88 13.88
C HIS A 192 25.18 2.09 15.33
N LYS A 193 24.45 2.98 16.00
CA LYS A 193 24.79 3.51 17.30
C LYS A 193 23.78 3.14 18.37
N VAL A 194 22.56 3.64 18.23
CA VAL A 194 21.53 3.62 19.26
C VAL A 194 20.45 2.63 18.85
N TYR A 195 20.17 1.68 19.72
CA TYR A 195 19.09 0.72 19.50
C TYR A 195 18.01 0.98 20.54
N ALA A 196 16.80 1.27 20.07
CA ALA A 196 15.74 1.72 20.94
C ALA A 196 14.49 0.89 20.70
N CYS A 197 13.68 0.77 21.76
CA CYS A 197 12.43 0.01 21.71
C CYS A 197 11.33 0.92 22.24
N GLU A 198 10.51 1.46 21.35
CA GLU A 198 9.41 2.35 21.73
C GLU A 198 8.14 1.53 21.91
N VAL A 199 7.45 1.74 23.03
CA VAL A 199 6.30 0.92 23.40
C VAL A 199 5.13 1.85 23.70
N THR A 200 4.08 1.76 22.89
CA THR A 200 2.82 2.48 23.10
C THR A 200 1.76 1.52 23.62
N HIS A 201 1.01 1.95 24.63
CA HIS A 201 0.00 1.12 25.27
C HIS A 201 -1.12 1.96 25.89
N GLN A 202 -2.24 1.30 26.20
CA GLN A 202 -3.42 1.95 26.79
C GLN A 202 -3.07 2.57 28.12
N GLY A 203 -2.23 1.86 28.85
CA GLY A 203 -1.82 2.20 30.19
C GLY A 203 -0.73 3.22 30.30
N LEU A 204 -0.10 3.58 29.20
CA LEU A 204 0.96 4.58 29.18
C LEU A 204 0.41 5.83 28.53
N SER A 205 0.52 6.96 29.22
CA SER A 205 0.10 8.23 28.63
C SER A 205 0.99 8.62 27.47
N SER A 206 2.31 8.49 27.64
CA SER A 206 3.25 8.73 26.56
C SER A 206 4.07 7.46 26.31
N PRO A 207 4.56 7.27 25.07
CA PRO A 207 5.27 6.03 24.75
C PRO A 207 6.58 5.90 25.51
N VAL A 208 6.84 4.68 26.00
CA VAL A 208 8.06 4.37 26.74
C VAL A 208 9.15 3.98 25.75
N THR A 209 10.35 4.52 25.95
CA THR A 209 11.51 4.19 25.14
C THR A 209 12.62 3.64 26.02
N LYS A 210 13.17 2.50 25.62
CA LYS A 210 14.35 1.91 26.26
C LYS A 210 15.47 1.86 25.22
N SER A 211 16.60 2.50 25.53
CA SER A 211 17.65 2.69 24.54
C SER A 211 18.99 2.25 25.11
N PHE A 212 19.89 1.83 24.21
CA PHE A 212 21.28 1.57 24.58
C PHE A 212 22.18 1.91 23.42
N ASN A 213 23.39 2.38 23.73
CA ASN A 213 24.39 2.72 22.73
C ASN A 213 25.45 1.62 22.67
N ARG A 214 25.78 1.18 21.46
CA ARG A 214 26.89 0.25 21.26
C ARG A 214 28.17 1.07 21.01
N GLY A 215 29.17 0.86 21.86
CA GLY A 215 30.47 1.48 21.65
C GLY A 215 30.89 2.42 22.76
N MET B 1 -23.07 -38.17 19.58
CA MET B 1 -23.36 -37.21 18.51
C MET B 1 -22.89 -35.79 18.88
N GLU B 2 -21.77 -35.42 18.29
CA GLU B 2 -21.25 -34.07 18.30
C GLU B 2 -20.67 -33.89 16.92
N VAL B 3 -20.49 -32.65 16.50
CA VAL B 3 -19.96 -32.41 15.18
C VAL B 3 -18.45 -32.48 15.33
N LYS B 4 -17.82 -33.40 14.59
CA LYS B 4 -16.41 -33.69 14.74
C LYS B 4 -15.76 -33.53 13.38
N LEU B 5 -14.87 -32.55 13.26
CA LEU B 5 -14.02 -32.38 12.09
C LEU B 5 -12.60 -32.76 12.50
N HIS B 6 -12.27 -34.04 12.35
CA HIS B 6 -11.01 -34.58 12.85
C HIS B 6 -9.98 -34.48 11.72
N GLN B 7 -8.96 -33.66 11.92
CA GLN B 7 -7.90 -33.47 10.94
C GLN B 7 -6.69 -34.32 11.30
N SER B 8 -5.88 -34.62 10.28
CA SER B 8 -4.71 -35.46 10.47
C SER B 8 -3.84 -35.38 9.22
N GLY B 9 -2.58 -35.71 9.41
CA GLY B 9 -1.63 -35.84 8.31
C GLY B 9 -0.78 -34.62 8.06
N GLY B 10 -0.39 -33.91 9.11
CA GLY B 10 0.46 -32.74 8.98
C GLY B 10 1.75 -32.92 9.76
N GLY B 11 2.84 -32.42 9.19
CA GLY B 11 4.12 -32.49 9.85
C GLY B 11 5.20 -31.75 9.11
N LEU B 12 6.40 -32.33 9.06
CA LEU B 12 7.54 -31.68 8.46
C LEU B 12 7.60 -32.02 6.97
N VAL B 13 7.84 -31.00 6.16
CA VAL B 13 8.10 -31.14 4.74
C VAL B 13 9.20 -30.15 4.38
N GLN B 14 10.03 -30.51 3.40
CA GLN B 14 11.05 -29.61 2.92
C GLN B 14 10.47 -28.66 1.88
N PRO B 15 11.08 -27.49 1.71
CA PRO B 15 10.63 -26.56 0.66
C PRO B 15 10.68 -27.22 -0.71
N GLY B 16 9.56 -27.16 -1.42
CA GLY B 16 9.41 -27.87 -2.67
C GLY B 16 8.88 -29.28 -2.52
N GLY B 17 8.41 -29.66 -1.33
CA GLY B 17 7.86 -30.97 -1.10
C GLY B 17 6.35 -30.99 -1.24
N PHE B 18 5.78 -32.15 -0.90
CA PHE B 18 4.34 -32.35 -1.03
C PHE B 18 3.77 -32.85 0.29
N LEU B 19 2.46 -32.70 0.43
CA LEU B 19 1.76 -33.14 1.63
C LEU B 19 0.26 -33.15 1.36
N LYS B 20 -0.44 -34.08 2.01
CA LYS B 20 -1.89 -34.22 1.89
C LYS B 20 -2.50 -34.24 3.28
N ILE B 21 -3.40 -33.31 3.57
CA ILE B 21 -4.10 -33.24 4.86
C ILE B 21 -5.48 -33.87 4.71
N SER B 22 -5.84 -34.71 5.68
CA SER B 22 -7.15 -35.33 5.76
C SER B 22 -7.98 -34.66 6.85
N CYS B 23 -9.28 -34.52 6.60
CA CYS B 23 -10.25 -34.12 7.63
C CYS B 23 -11.50 -34.96 7.45
N VAL B 24 -11.82 -35.79 8.44
CA VAL B 24 -12.96 -36.70 8.36
C VAL B 24 -14.10 -36.10 9.17
N VAL B 25 -15.24 -35.89 8.51
CA VAL B 25 -16.35 -35.15 9.08
C VAL B 25 -17.42 -36.13 9.52
N SER B 26 -17.89 -35.98 10.76
CA SER B 26 -18.96 -36.81 11.30
C SER B 26 -19.82 -35.95 12.22
N GLY B 27 -21.11 -36.27 12.26
CA GLY B 27 -22.09 -35.53 13.02
C GLY B 27 -22.94 -34.58 12.22
N ILE B 28 -22.57 -34.33 10.95
CA ILE B 28 -23.34 -33.49 10.05
C ILE B 28 -23.34 -34.15 8.68
N ASP B 29 -24.31 -33.75 7.86
CA ASP B 29 -24.38 -34.29 6.51
C ASP B 29 -23.29 -33.67 5.65
N PHE B 30 -22.12 -34.33 5.62
CA PHE B 30 -20.99 -33.83 4.84
C PHE B 30 -21.37 -33.57 3.40
N SER B 31 -22.28 -34.36 2.84
CA SER B 31 -22.74 -34.17 1.47
C SER B 31 -23.41 -32.82 1.27
N ARG B 32 -24.00 -32.25 2.31
CA ARG B 32 -24.87 -31.09 2.18
C ARG B 32 -24.13 -29.77 2.33
N TYR B 33 -22.88 -29.78 2.81
CA TYR B 33 -22.13 -28.56 3.09
C TYR B 33 -21.03 -28.34 2.07
N TRP B 34 -20.73 -27.07 1.81
CA TRP B 34 -19.52 -26.70 1.10
C TRP B 34 -18.36 -26.77 2.09
N MET B 35 -17.22 -27.27 1.61
CA MET B 35 -16.07 -27.50 2.47
C MET B 35 -14.91 -26.64 2.02
N SER B 36 -14.30 -25.95 2.98
CA SER B 36 -13.24 -25.00 2.70
C SER B 36 -12.00 -25.32 3.54
N TRP B 37 -10.85 -24.89 3.03
CA TRP B 37 -9.60 -24.94 3.77
C TRP B 37 -9.14 -23.51 4.04
N VAL B 38 -8.78 -23.23 5.29
CA VAL B 38 -8.29 -21.92 5.70
C VAL B 38 -7.11 -22.12 6.64
N ARG B 39 -6.11 -21.25 6.53
CA ARG B 39 -4.88 -21.40 7.30
C ARG B 39 -4.62 -20.16 8.14
N ARG B 40 -3.90 -20.34 9.24
CA ARG B 40 -3.50 -19.26 10.12
C ARG B 40 -2.04 -19.41 10.50
N ALA B 41 -1.27 -18.34 10.31
CA ALA B 41 0.13 -18.25 10.68
C ALA B 41 0.31 -17.13 11.71
N PRO B 42 1.38 -17.18 12.52
CA PRO B 42 1.50 -16.19 13.61
C PRO B 42 1.49 -14.75 13.14
N GLY B 43 2.26 -14.42 12.10
CA GLY B 43 2.30 -13.04 11.63
C GLY B 43 1.10 -12.60 10.82
N LYS B 44 0.43 -13.55 10.17
CA LYS B 44 -0.74 -13.25 9.36
C LYS B 44 -2.01 -13.50 10.17
N GLY B 45 -3.15 -13.32 9.53
CA GLY B 45 -4.41 -13.60 10.18
C GLY B 45 -4.99 -14.92 9.72
N LEU B 46 -6.23 -14.90 9.25
CA LEU B 46 -6.83 -16.05 8.59
C LEU B 46 -6.75 -15.85 7.09
N GLU B 47 -6.26 -16.86 6.39
CA GLU B 47 -6.18 -16.82 4.93
C GLU B 47 -7.12 -17.89 4.38
N TRP B 48 -8.18 -17.44 3.72
CA TRP B 48 -9.08 -18.36 3.03
C TRP B 48 -8.35 -18.94 1.81
N ILE B 49 -8.13 -20.25 1.83
CA ILE B 49 -7.40 -20.91 0.74
C ILE B 49 -8.31 -21.26 -0.40
N GLY B 50 -9.41 -21.94 -0.12
CA GLY B 50 -10.32 -22.34 -1.17
C GLY B 50 -11.49 -23.12 -0.61
N GLU B 51 -12.42 -23.44 -1.50
CA GLU B 51 -13.61 -24.18 -1.16
C GLU B 51 -13.95 -25.15 -2.29
N ILE B 52 -14.67 -26.21 -1.94
CA ILE B 52 -15.20 -27.16 -2.91
C ILE B 52 -16.69 -27.32 -2.66
N THR B 53 -17.46 -27.38 -3.74
CA THR B 53 -18.90 -27.46 -3.65
C THR B 53 -19.30 -28.82 -3.08
N PRO B 54 -20.56 -28.98 -2.67
CA PRO B 54 -21.00 -30.30 -2.20
C PRO B 54 -20.81 -31.40 -3.24
N ASP B 55 -21.09 -31.11 -4.50
CA ASP B 55 -21.02 -32.11 -5.57
C ASP B 55 -19.62 -32.27 -6.15
N SER B 56 -18.66 -31.44 -5.75
CA SER B 56 -17.28 -31.42 -6.23
C SER B 56 -17.15 -30.89 -7.65
N ASN B 57 -18.21 -30.34 -8.23
CA ASN B 57 -18.18 -29.93 -9.63
C ASN B 57 -17.66 -28.52 -9.83
N THR B 58 -17.33 -27.81 -8.76
CA THR B 58 -16.66 -26.52 -8.87
C THR B 58 -15.73 -26.35 -7.68
N ILE B 59 -14.50 -25.92 -7.95
CA ILE B 59 -13.51 -25.65 -6.91
C ILE B 59 -13.09 -24.19 -7.06
N ASN B 60 -13.25 -23.42 -5.98
CA ASN B 60 -12.93 -22.00 -5.98
C ASN B 60 -11.68 -21.78 -5.15
N TYR B 61 -10.75 -20.99 -5.70
CA TYR B 61 -9.49 -20.69 -5.03
C TYR B 61 -9.30 -19.18 -4.96
N VAL B 62 -8.43 -18.77 -4.05
CA VAL B 62 -7.84 -17.43 -4.17
C VAL B 62 -6.74 -17.49 -5.21
N PRO B 63 -6.65 -16.52 -6.12
CA PRO B 63 -5.78 -16.70 -7.30
C PRO B 63 -4.32 -16.99 -6.97
N SER B 64 -3.78 -16.43 -5.90
CA SER B 64 -2.37 -16.65 -5.59
C SER B 64 -2.10 -18.05 -5.05
N LEU B 65 -3.14 -18.77 -4.63
CA LEU B 65 -2.97 -20.11 -4.05
C LEU B 65 -3.54 -21.22 -4.93
N LYS B 66 -4.03 -20.88 -6.12
CA LYS B 66 -4.64 -21.88 -7.00
C LYS B 66 -3.67 -23.02 -7.30
N ASP B 67 -2.41 -22.68 -7.62
CA ASP B 67 -1.52 -23.66 -8.23
C ASP B 67 -0.97 -24.68 -7.24
N ASN B 68 -0.72 -24.28 -5.99
CA ASN B 68 -0.03 -25.15 -5.06
C ASN B 68 -0.94 -25.95 -4.14
N PHE B 69 -2.23 -25.64 -4.10
CA PHE B 69 -3.17 -26.34 -3.23
C PHE B 69 -4.24 -27.01 -4.08
N GLY B 70 -4.61 -28.23 -3.69
CA GLY B 70 -5.62 -28.98 -4.41
C GLY B 70 -6.68 -29.58 -3.50
N ILE B 71 -7.92 -29.14 -3.66
CA ILE B 71 -9.01 -29.53 -2.77
C ILE B 71 -9.81 -30.66 -3.41
N SER B 72 -10.07 -31.71 -2.63
CA SER B 72 -10.91 -32.81 -3.06
C SER B 72 -11.72 -33.30 -1.85
N ARG B 73 -12.80 -34.02 -2.15
CA ARG B 73 -13.65 -34.56 -1.09
C ARG B 73 -14.18 -35.92 -1.53
N ASP B 74 -14.62 -36.70 -0.54
CA ASP B 74 -15.21 -38.01 -0.79
C ASP B 74 -16.44 -38.12 0.11
N ASN B 75 -17.62 -37.89 -0.47
CA ASN B 75 -18.86 -37.92 0.31
C ASN B 75 -19.13 -39.31 0.87
N ALA B 76 -18.69 -40.36 0.16
CA ALA B 76 -18.87 -41.72 0.66
C ALA B 76 -18.16 -41.89 2.00
N LYS B 77 -16.90 -41.45 2.08
CA LYS B 77 -16.12 -41.54 3.31
C LYS B 77 -16.29 -40.34 4.22
N ASN B 78 -17.01 -39.30 3.78
CA ASN B 78 -17.26 -38.09 4.58
C ASN B 78 -15.97 -37.37 4.97
N THR B 79 -14.99 -37.34 4.05
CA THR B 79 -13.70 -36.73 4.32
C THR B 79 -13.36 -35.70 3.26
N LEU B 80 -12.60 -34.68 3.68
CA LEU B 80 -12.11 -33.63 2.81
C LEU B 80 -10.59 -33.62 2.82
N PHE B 81 -9.99 -33.43 1.64
CA PHE B 81 -8.54 -33.48 1.48
C PHE B 81 -8.00 -32.16 0.96
N LEU B 82 -6.76 -31.85 1.38
CA LEU B 82 -6.00 -30.74 0.83
C LEU B 82 -4.62 -31.24 0.46
N GLN B 83 -4.26 -31.10 -0.81
CA GLN B 83 -2.93 -31.49 -1.29
C GLN B 83 -2.08 -30.24 -1.49
N MET B 84 -0.91 -30.22 -0.87
CA MET B 84 0.04 -29.12 -0.97
C MET B 84 1.27 -29.59 -1.72
N THR B 85 1.60 -28.89 -2.81
CA THR B 85 2.72 -29.27 -3.67
C THR B 85 3.65 -28.07 -3.86
N LYS B 86 4.95 -28.36 -3.95
CA LYS B 86 5.99 -27.35 -4.13
C LYS B 86 5.84 -26.24 -3.08
N VAL B 87 5.84 -26.64 -1.82
CA VAL B 87 5.44 -25.72 -0.76
C VAL B 87 6.60 -24.80 -0.42
N ARG B 88 6.26 -23.55 -0.09
CA ARG B 88 7.21 -22.52 0.25
C ARG B 88 7.44 -22.47 1.75
N SER B 89 8.53 -21.80 2.15
CA SER B 89 8.77 -21.59 3.57
C SER B 89 7.69 -20.73 4.21
N GLU B 90 7.08 -19.83 3.44
CA GLU B 90 6.00 -19.01 3.95
C GLU B 90 4.71 -19.80 4.18
N ASP B 91 4.64 -21.05 3.74
CA ASP B 91 3.43 -21.85 3.87
C ASP B 91 3.28 -22.47 5.25
N THR B 92 4.28 -22.33 6.13
CA THR B 92 4.16 -22.81 7.49
C THR B 92 2.97 -22.13 8.18
N ALA B 93 1.99 -22.93 8.58
CA ALA B 93 0.80 -22.41 9.24
C ALA B 93 0.02 -23.58 9.81
N LEU B 94 -1.04 -23.25 10.54
CA LEU B 94 -2.03 -24.24 10.98
C LEU B 94 -3.17 -24.21 9.96
N TYR B 95 -3.38 -25.34 9.29
CA TYR B 95 -4.40 -25.43 8.26
C TYR B 95 -5.70 -25.99 8.85
N PHE B 96 -6.82 -25.40 8.47
CA PHE B 96 -8.09 -25.65 9.16
C PHE B 96 -9.16 -26.10 8.18
N CYS B 97 -9.75 -27.26 8.47
CA CYS B 97 -10.92 -27.80 7.81
C CYS B 97 -12.18 -27.10 8.31
N ALA B 98 -12.82 -26.30 7.45
CA ALA B 98 -14.00 -25.52 7.85
C ALA B 98 -15.17 -25.74 6.89
N SER B 99 -16.34 -26.01 7.48
CA SER B 99 -17.61 -26.10 6.76
C SER B 99 -18.14 -24.71 6.38
N TYR B 100 -18.82 -24.64 5.23
CA TYR B 100 -19.52 -23.42 4.82
C TYR B 100 -20.93 -23.75 4.36
N TYR B 101 -21.92 -23.02 4.88
CA TYR B 101 -23.31 -23.12 4.44
C TYR B 101 -24.00 -21.77 4.60
N GLU B 102 -24.58 -21.50 5.77
CA GLU B 102 -24.90 -20.11 6.10
C GLU B 102 -23.62 -19.33 6.36
N GLY B 103 -22.68 -19.94 7.06
CA GLY B 103 -21.38 -19.36 7.29
C GLY B 103 -20.38 -20.46 7.57
N PHE B 104 -19.29 -20.10 8.26
CA PHE B 104 -18.26 -21.06 8.65
C PHE B 104 -18.63 -21.66 10.00
N ALA B 105 -19.57 -22.63 9.97
CA ALA B 105 -20.16 -23.14 11.19
C ALA B 105 -19.24 -24.10 11.93
N TYR B 106 -18.78 -25.16 11.27
CA TYR B 106 -18.02 -26.22 11.92
C TYR B 106 -16.57 -26.18 11.47
N TRP B 107 -15.67 -26.38 12.42
CA TRP B 107 -14.24 -26.25 12.18
C TRP B 107 -13.52 -27.51 12.64
N GLY B 108 -12.29 -27.68 12.12
CA GLY B 108 -11.42 -28.74 12.57
C GLY B 108 -10.51 -28.33 13.70
N GLN B 109 -9.84 -29.32 14.29
CA GLN B 109 -8.97 -29.05 15.43
C GLN B 109 -7.68 -28.36 15.03
N GLY B 110 -7.28 -28.43 13.77
CA GLY B 110 -6.05 -27.81 13.33
C GLY B 110 -4.98 -28.83 12.97
N THR B 111 -4.30 -28.59 11.86
CA THR B 111 -3.18 -29.41 11.41
C THR B 111 -1.97 -28.52 11.18
N LEU B 112 -0.87 -28.80 11.87
CA LEU B 112 0.35 -28.01 11.72
C LEU B 112 1.18 -28.53 10.55
N VAL B 113 1.60 -27.60 9.68
CA VAL B 113 2.49 -27.89 8.57
C VAL B 113 3.71 -27.00 8.70
N THR B 114 4.88 -27.59 8.94
CA THR B 114 6.12 -26.85 9.04
C THR B 114 6.95 -27.11 7.78
N VAL B 115 7.20 -26.06 7.02
CA VAL B 115 8.07 -26.11 5.85
C VAL B 115 9.43 -25.58 6.24
N SER B 116 10.44 -26.45 6.25
CA SER B 116 11.80 -26.08 6.60
C SER B 116 12.76 -27.06 5.94
N ALA B 117 13.92 -26.55 5.53
CA ALA B 117 14.95 -27.39 4.92
C ALA B 117 16.03 -27.79 5.92
N ALA B 118 15.85 -27.51 7.20
CA ALA B 118 16.87 -27.79 8.18
C ALA B 118 16.78 -29.23 8.66
N SER B 119 17.92 -29.77 9.09
CA SER B 119 17.95 -31.02 9.83
C SER B 119 18.19 -30.69 11.31
N THR B 120 18.22 -31.74 12.13
CA THR B 120 18.25 -31.58 13.58
C THR B 120 19.52 -30.85 14.02
N LYS B 121 19.33 -29.69 14.65
CA LYS B 121 20.41 -28.86 15.16
C LYS B 121 20.08 -28.49 16.60
N GLY B 122 21.12 -28.40 17.43
CA GLY B 122 20.96 -28.00 18.80
C GLY B 122 21.01 -26.49 18.94
N PRO B 123 20.46 -25.96 20.03
CA PRO B 123 20.37 -24.50 20.18
C PRO B 123 21.67 -23.91 20.70
N SER B 124 21.78 -22.59 20.54
CA SER B 124 22.80 -21.80 21.19
C SER B 124 22.11 -20.91 22.22
N VAL B 125 22.70 -20.84 23.42
CA VAL B 125 22.09 -20.14 24.54
C VAL B 125 22.96 -18.95 24.89
N PHE B 126 22.44 -17.74 24.67
CA PHE B 126 23.15 -16.50 24.94
C PHE B 126 22.51 -15.79 26.11
N PRO B 127 23.30 -15.31 27.07
CA PRO B 127 22.70 -14.66 28.26
C PRO B 127 22.07 -13.32 27.91
N LEU B 128 20.87 -13.10 28.48
CA LEU B 128 20.21 -11.79 28.44
C LEU B 128 20.57 -11.07 29.74
N ALA B 129 21.75 -10.45 29.72
CA ALA B 129 22.34 -9.92 30.94
C ALA B 129 21.54 -8.74 31.48
N PRO B 130 21.33 -8.69 32.80
CA PRO B 130 20.67 -7.53 33.40
C PRO B 130 21.59 -6.32 33.54
N SER B 131 20.97 -5.14 33.51
CA SER B 131 21.63 -3.83 33.49
C SER B 131 20.68 -2.84 34.19
N SER B 132 20.88 -1.55 33.98
CA SER B 132 19.82 -0.58 34.27
C SER B 132 19.02 -0.20 33.04
N LYS B 133 19.34 -0.78 31.90
CA LYS B 133 18.35 -0.78 30.84
C LYS B 133 17.39 -1.93 31.02
N SER B 134 17.81 -2.97 31.76
CA SER B 134 16.93 -4.07 32.11
C SER B 134 16.47 -4.03 33.55
N THR B 135 16.73 -2.94 34.28
CA THR B 135 16.09 -2.72 35.57
C THR B 135 15.12 -1.55 35.44
N SER B 136 13.99 -1.65 36.16
CA SER B 136 13.04 -0.55 36.21
C SER B 136 13.06 0.21 37.52
N GLY B 137 13.35 -0.46 38.63
CA GLY B 137 13.33 0.13 39.94
C GLY B 137 12.80 -0.91 40.91
N GLY B 138 13.67 -1.48 41.72
CA GLY B 138 13.25 -2.56 42.60
C GLY B 138 13.34 -3.96 42.03
N THR B 139 12.89 -4.16 40.79
CA THR B 139 12.93 -5.47 40.15
C THR B 139 13.76 -5.40 38.87
N ALA B 140 14.44 -6.50 38.56
CA ALA B 140 15.33 -6.58 37.41
C ALA B 140 14.96 -7.77 36.54
N ALA B 141 15.10 -7.60 35.23
CA ALA B 141 14.78 -8.65 34.28
C ALA B 141 16.06 -9.21 33.68
N LEU B 142 16.11 -10.54 33.59
CA LEU B 142 17.19 -11.23 32.91
C LEU B 142 16.61 -12.48 32.27
N GLY B 143 17.35 -13.06 31.34
CA GLY B 143 16.85 -14.26 30.71
C GLY B 143 17.87 -14.89 29.80
N CYS B 144 17.37 -15.76 28.93
CA CYS B 144 18.22 -16.52 28.04
C CYS B 144 17.61 -16.52 26.65
N LEU B 145 18.46 -16.39 25.64
CA LEU B 145 18.05 -16.46 24.25
C LEU B 145 18.49 -17.82 23.72
N VAL B 146 17.51 -18.67 23.42
CA VAL B 146 17.75 -19.99 22.86
C VAL B 146 17.50 -19.88 21.36
N LYS B 147 18.57 -20.03 20.56
CA LYS B 147 18.54 -19.59 19.18
C LYS B 147 18.94 -20.70 18.21
N ASP B 148 18.28 -20.72 17.05
CA ASP B 148 18.57 -21.62 15.93
C ASP B 148 18.68 -23.08 16.37
N TYR B 149 17.53 -23.67 16.67
CA TYR B 149 17.45 -25.09 16.94
C TYR B 149 16.37 -25.72 16.05
N PHE B 150 16.42 -27.06 15.95
CA PHE B 150 15.45 -27.81 15.16
C PHE B 150 15.46 -29.26 15.60
N PRO B 151 14.30 -29.91 15.77
CA PRO B 151 12.94 -29.35 15.63
C PRO B 151 12.45 -28.64 16.90
N GLU B 152 11.12 -28.51 17.02
CA GLU B 152 10.55 -27.56 17.98
C GLU B 152 10.82 -27.89 19.45
N PRO B 153 10.58 -29.11 19.95
CA PRO B 153 10.49 -29.30 21.41
C PRO B 153 11.76 -28.89 22.14
N VAL B 154 11.63 -27.93 23.06
CA VAL B 154 12.72 -27.44 23.89
C VAL B 154 12.15 -27.05 25.25
N THR B 155 12.84 -27.46 26.32
CA THR B 155 12.44 -27.16 27.68
C THR B 155 13.45 -26.23 28.33
N VAL B 156 12.96 -25.20 29.02
CA VAL B 156 13.81 -24.23 29.69
C VAL B 156 13.37 -24.12 31.15
N SER B 157 14.31 -24.31 32.07
CA SER B 157 14.08 -24.12 33.48
C SER B 157 15.15 -23.18 34.03
N TRP B 158 14.97 -22.74 35.27
CA TRP B 158 15.87 -21.79 35.89
C TRP B 158 16.41 -22.35 37.19
N ASN B 159 17.73 -22.29 37.36
CA ASN B 159 18.43 -22.85 38.52
C ASN B 159 17.94 -24.26 38.85
N SER B 160 17.85 -25.09 37.82
CA SER B 160 17.38 -26.47 37.93
C SER B 160 16.08 -26.56 38.74
N GLY B 161 15.13 -25.69 38.40
CA GLY B 161 13.80 -25.75 38.99
C GLY B 161 13.59 -24.98 40.27
N ALA B 162 14.63 -24.31 40.80
CA ALA B 162 14.43 -23.58 42.05
C ALA B 162 13.62 -22.30 41.85
N LEU B 163 13.68 -21.70 40.67
CA LEU B 163 13.00 -20.44 40.39
C LEU B 163 11.86 -20.71 39.42
N THR B 164 10.62 -20.49 39.86
CA THR B 164 9.48 -20.68 38.97
C THR B 164 8.54 -19.48 38.94
N SER B 165 8.50 -18.71 40.03
CA SER B 165 7.72 -17.48 40.02
C SER B 165 8.28 -16.49 39.01
N GLY B 166 7.38 -15.90 38.23
CA GLY B 166 7.71 -14.79 37.35
C GLY B 166 8.61 -15.12 36.18
N VAL B 167 8.77 -16.39 35.83
CA VAL B 167 9.51 -16.78 34.63
C VAL B 167 8.54 -16.81 33.47
N HIS B 168 8.99 -16.43 32.28
CA HIS B 168 8.15 -16.40 31.10
C HIS B 168 8.93 -16.97 29.94
N THR B 169 8.49 -18.11 29.41
CA THR B 169 9.08 -18.71 28.21
C THR B 169 8.14 -18.45 27.04
N PHE B 170 8.57 -17.58 26.13
CA PHE B 170 7.72 -17.20 25.01
C PHE B 170 7.71 -18.29 23.96
N PRO B 171 6.61 -18.44 23.23
CA PRO B 171 6.57 -19.43 22.14
C PRO B 171 7.69 -19.19 21.15
N ALA B 172 8.26 -20.29 20.67
CA ALA B 172 9.32 -20.20 19.69
C ALA B 172 8.76 -19.70 18.36
N VAL B 173 9.61 -19.04 17.59
CA VAL B 173 9.22 -18.54 16.28
C VAL B 173 10.13 -19.16 15.24
N LEU B 174 9.57 -19.44 14.07
CA LEU B 174 10.32 -20.02 12.96
C LEU B 174 10.96 -18.90 12.16
N GLN B 175 12.29 -18.90 12.09
CA GLN B 175 13.01 -17.84 11.41
C GLN B 175 13.11 -18.14 9.92
N SER B 176 13.72 -17.21 9.17
CA SER B 176 13.93 -17.45 7.75
C SER B 176 14.94 -18.57 7.52
N SER B 177 15.86 -18.76 8.47
CA SER B 177 16.73 -19.92 8.54
C SER B 177 15.98 -21.21 8.25
N GLY B 178 14.78 -21.33 8.80
CA GLY B 178 14.15 -22.61 9.01
C GLY B 178 14.43 -23.17 10.38
N LEU B 179 15.08 -22.38 11.23
CA LEU B 179 15.46 -22.77 12.58
C LEU B 179 14.62 -21.98 13.58
N TYR B 180 14.43 -22.55 14.76
CA TYR B 180 13.62 -21.92 15.79
C TYR B 180 14.50 -21.09 16.72
N SER B 181 13.93 -20.00 17.22
CA SER B 181 14.58 -19.24 18.28
C SER B 181 13.50 -18.80 19.26
N LEU B 182 13.89 -18.73 20.53
CA LEU B 182 12.97 -18.54 21.63
C LEU B 182 13.69 -17.80 22.73
N SER B 183 12.92 -17.13 23.59
CA SER B 183 13.51 -16.36 24.67
C SER B 183 12.78 -16.67 25.97
N SER B 184 13.54 -16.93 27.02
CA SER B 184 13.03 -17.14 28.37
C SER B 184 13.61 -16.07 29.28
N VAL B 185 12.75 -15.40 30.05
CA VAL B 185 13.17 -14.35 30.96
C VAL B 185 12.51 -14.53 32.32
N VAL B 186 13.12 -13.88 33.32
CA VAL B 186 12.66 -13.92 34.70
C VAL B 186 12.85 -12.52 35.29
N THR B 187 11.97 -12.15 36.22
CA THR B 187 12.10 -10.91 36.97
C THR B 187 12.34 -11.21 38.44
N VAL B 188 13.44 -10.70 38.97
CA VAL B 188 13.80 -10.88 40.38
C VAL B 188 14.19 -9.52 40.95
N PRO B 189 14.19 -9.37 42.27
CA PRO B 189 14.66 -8.12 42.87
C PRO B 189 16.13 -7.88 42.55
N SER B 190 16.50 -6.60 42.43
CA SER B 190 17.87 -6.32 42.04
C SER B 190 18.84 -6.41 43.22
N SER B 191 18.33 -6.35 44.44
CA SER B 191 19.10 -6.72 45.63
C SER B 191 19.66 -8.14 45.54
N SER B 192 18.76 -9.10 45.32
CA SER B 192 19.08 -10.51 45.04
C SER B 192 20.33 -10.66 44.18
N LEU B 193 20.43 -9.85 43.12
CA LEU B 193 21.35 -10.14 42.03
C LEU B 193 22.78 -10.32 42.54
N GLY B 194 23.19 -9.48 43.50
CA GLY B 194 24.54 -9.57 44.01
C GLY B 194 24.80 -10.88 44.75
N THR B 195 23.78 -11.36 45.48
CA THR B 195 23.94 -12.60 46.25
C THR B 195 23.63 -13.82 45.37
N GLN B 196 22.48 -13.83 44.71
CA GLN B 196 22.02 -15.02 44.01
C GLN B 196 22.74 -15.23 42.69
N THR B 197 22.82 -16.49 42.27
CA THR B 197 23.39 -16.93 41.01
C THR B 197 22.27 -17.45 40.12
N TYR B 198 22.20 -16.99 38.88
CA TYR B 198 21.09 -17.31 38.00
C TYR B 198 21.56 -18.12 36.79
N ILE B 199 20.96 -19.29 36.60
CA ILE B 199 21.30 -20.20 35.51
C ILE B 199 20.01 -20.66 34.85
N CYS B 200 19.98 -20.61 33.52
CA CYS B 200 18.89 -21.19 32.73
C CYS B 200 19.36 -22.53 32.17
N ASN B 201 18.53 -23.56 32.33
CA ASN B 201 18.84 -24.90 31.87
C ASN B 201 17.97 -25.21 30.66
N VAL B 202 18.60 -25.35 29.50
CA VAL B 202 17.90 -25.58 28.24
C VAL B 202 18.21 -26.99 27.77
N ASN B 203 17.16 -27.74 27.41
CA ASN B 203 17.29 -29.10 26.92
C ASN B 203 16.56 -29.23 25.60
N HIS B 204 17.27 -29.73 24.59
CA HIS B 204 16.72 -30.02 23.28
C HIS B 204 16.97 -31.51 23.03
N LYS B 205 15.94 -32.32 23.24
CA LYS B 205 16.15 -33.76 23.24
C LYS B 205 16.30 -34.39 21.85
N PRO B 206 15.79 -33.80 20.75
CA PRO B 206 16.13 -34.37 19.44
C PRO B 206 17.60 -34.28 19.09
N SER B 207 18.31 -33.29 19.64
CA SER B 207 19.75 -33.19 19.45
C SER B 207 20.54 -33.75 20.61
N ASN B 208 19.88 -34.03 21.75
CA ASN B 208 20.55 -34.41 22.99
C ASN B 208 21.55 -33.33 23.43
N THR B 209 21.12 -32.09 23.35
CA THR B 209 21.91 -30.93 23.76
C THR B 209 21.32 -30.39 25.05
N LYS B 210 22.11 -30.40 26.12
CA LYS B 210 21.72 -29.83 27.40
C LYS B 210 22.74 -28.77 27.78
N VAL B 211 22.27 -27.53 27.91
CA VAL B 211 23.14 -26.38 28.16
C VAL B 211 22.72 -25.74 29.47
N ASP B 212 23.68 -25.51 30.35
CA ASP B 212 23.48 -24.74 31.58
C ASP B 212 24.29 -23.46 31.45
N LYS B 213 23.61 -22.35 31.18
CA LYS B 213 24.25 -21.07 30.97
C LYS B 213 23.84 -20.12 32.09
N LYS B 214 24.80 -19.41 32.66
CA LYS B 214 24.44 -18.38 33.62
C LYS B 214 24.38 -17.03 32.93
N VAL B 215 23.56 -16.16 33.49
CA VAL B 215 23.40 -14.79 33.02
C VAL B 215 24.06 -13.92 34.09
N GLU B 216 25.23 -13.38 33.77
CA GLU B 216 25.97 -12.53 34.68
C GLU B 216 25.88 -11.08 34.20
N GLU B 217 25.86 -10.15 35.14
CA GLU B 217 25.72 -8.77 34.70
C GLU B 217 27.07 -8.28 34.19
N GLN C 1 20.84 8.26 -13.98
CA GLN C 1 21.54 7.03 -13.59
C GLN C 1 21.31 6.74 -12.11
N ALA C 2 20.74 7.70 -11.40
CA ALA C 2 20.20 7.49 -10.07
C ALA C 2 18.69 7.57 -10.16
N VAL C 3 18.00 6.63 -9.53
CA VAL C 3 16.54 6.52 -9.64
C VAL C 3 15.92 6.59 -8.26
N VAL C 4 14.95 7.48 -8.10
CA VAL C 4 14.20 7.61 -6.87
C VAL C 4 12.79 7.10 -7.12
N THR C 5 12.33 6.15 -6.31
CA THR C 5 11.04 5.51 -6.51
C THR C 5 10.18 5.72 -5.27
N GLN C 6 8.87 5.92 -5.50
CA GLN C 6 7.91 6.04 -4.42
C GLN C 6 6.69 5.21 -4.74
N GLU C 7 5.89 4.93 -3.71
CA GLU C 7 4.59 4.32 -3.92
C GLU C 7 3.80 5.13 -4.92
N SER C 8 3.25 4.44 -5.93
CA SER C 8 2.56 5.16 -6.99
C SER C 8 1.32 5.85 -6.46
N ALA C 9 0.63 5.23 -5.50
CA ALA C 9 -0.58 5.80 -4.95
C ALA C 9 -0.86 5.17 -3.59
N LEU C 10 -1.41 5.97 -2.69
CA LEU C 10 -1.84 5.50 -1.37
C LEU C 10 -3.20 6.10 -1.08
N THR C 11 -4.03 5.34 -0.35
CA THR C 11 -5.36 5.79 0.04
C THR C 11 -5.49 5.75 1.55
N THR C 12 -6.13 6.78 2.11
CA THR C 12 -6.47 6.80 3.53
C THR C 12 -7.75 7.59 3.72
N SER C 13 -8.19 7.68 4.97
CA SER C 13 -9.42 8.34 5.35
C SER C 13 -9.12 9.53 6.24
N PRO C 14 -10.07 10.47 6.37
CA PRO C 14 -9.81 11.66 7.20
C PRO C 14 -9.50 11.29 8.64
N GLY C 15 -8.45 11.91 9.18
CA GLY C 15 -8.05 11.69 10.56
C GLY C 15 -7.01 10.61 10.75
N GLU C 16 -6.81 9.74 9.76
CA GLU C 16 -5.82 8.67 9.91
C GLU C 16 -4.41 9.24 9.81
N THR C 17 -3.43 8.36 9.99
CA THR C 17 -2.02 8.73 9.86
C THR C 17 -1.40 7.92 8.73
N VAL C 18 -0.76 8.62 7.80
CA VAL C 18 -0.16 7.97 6.64
C VAL C 18 1.30 8.35 6.56
N THR C 19 2.09 7.43 6.01
CA THR C 19 3.52 7.65 5.82
C THR C 19 3.86 7.28 4.39
N LEU C 20 4.44 8.23 3.67
CA LEU C 20 4.92 8.01 2.33
C LEU C 20 6.42 7.76 2.43
N THR C 21 6.92 6.82 1.64
CA THR C 21 8.33 6.45 1.69
C THR C 21 9.03 6.89 0.41
N CYS C 22 10.36 6.88 0.47
CA CYS C 22 11.16 7.28 -0.68
C CYS C 22 12.48 6.54 -0.66
N ARG C 23 12.83 5.92 -1.79
CA ARG C 23 13.90 4.93 -1.86
C ARG C 23 14.99 5.39 -2.83
N SER C 24 16.24 5.30 -2.38
CA SER C 24 17.40 5.55 -3.23
C SER C 24 17.79 4.28 -3.98
N SER C 25 17.93 4.40 -5.31
CA SER C 25 18.40 3.26 -6.10
C SER C 25 19.83 2.88 -5.81
N THR C 26 20.60 3.76 -5.18
CA THR C 26 22.00 3.46 -4.88
C THR C 26 22.17 2.80 -3.51
N GLY C 27 21.10 2.68 -2.73
CA GLY C 27 21.19 2.09 -1.41
C GLY C 27 20.41 2.83 -0.36
N ALA C 28 20.91 2.82 0.87
CA ALA C 28 20.21 3.42 1.99
C ALA C 28 20.18 4.94 1.88
N VAL C 29 19.01 5.51 2.15
CA VAL C 29 18.89 6.97 2.21
C VAL C 29 19.57 7.46 3.48
N ILE C 30 20.58 8.31 3.32
CA ILE C 30 21.35 8.81 4.45
C ILE C 30 21.08 10.31 4.58
N THR C 31 21.49 10.88 5.72
CA THR C 31 21.26 12.30 5.93
C THR C 31 21.96 13.15 4.89
N SER C 32 23.10 12.67 4.36
CA SER C 32 23.77 13.33 3.26
C SER C 32 22.88 13.49 2.03
N ASN C 33 21.78 12.75 1.95
CA ASN C 33 20.89 12.86 0.81
C ASN C 33 19.93 14.04 0.92
N TYR C 34 19.77 14.62 2.10
CA TYR C 34 18.98 15.84 2.30
C TYR C 34 17.60 15.73 1.64
N ALA C 35 16.88 14.66 1.98
CA ALA C 35 15.61 14.35 1.34
C ALA C 35 14.64 15.53 1.43
N ASN C 36 14.07 15.89 0.30
CA ASN C 36 13.10 16.98 0.19
C ASN C 36 11.76 16.42 -0.27
N TRP C 37 10.68 17.03 0.21
CA TRP C 37 9.32 16.64 -0.15
C TRP C 37 8.55 17.87 -0.60
N VAL C 38 8.05 17.84 -1.84
CA VAL C 38 7.25 18.94 -2.37
C VAL C 38 5.88 18.40 -2.75
N GLN C 39 4.86 19.23 -2.55
CA GLN C 39 3.47 18.86 -2.78
C GLN C 39 2.94 19.59 -4.01
N GLU C 40 2.20 18.88 -4.85
CA GLU C 40 1.59 19.47 -6.03
C GLU C 40 0.08 19.33 -5.96
N LYS C 41 -0.62 20.44 -5.97
CA LYS C 41 -2.06 20.52 -6.07
C LYS C 41 -2.48 20.93 -7.48
N PRO C 42 -3.76 20.80 -7.83
CA PRO C 42 -4.20 21.12 -9.19
C PRO C 42 -3.79 22.51 -9.67
N ASP C 43 -3.71 22.63 -10.99
CA ASP C 43 -3.23 23.84 -11.68
C ASP C 43 -1.85 24.25 -11.21
N HIS C 44 -0.99 23.26 -11.00
CA HIS C 44 0.45 23.46 -10.80
C HIS C 44 0.73 24.48 -9.70
N LEU C 45 0.28 24.14 -8.49
CA LEU C 45 0.60 24.94 -7.32
C LEU C 45 1.41 24.05 -6.39
N PHE C 46 2.63 24.49 -6.09
CA PHE C 46 3.63 23.67 -5.44
C PHE C 46 3.93 24.24 -4.06
N THR C 47 4.11 23.36 -3.08
CA THR C 47 4.42 23.76 -1.72
C THR C 47 5.55 22.88 -1.22
N GLY C 48 6.66 23.51 -0.82
CA GLY C 48 7.71 22.78 -0.15
C GLY C 48 7.25 22.41 1.25
N LEU C 49 7.33 21.13 1.59
CA LEU C 49 6.91 20.65 2.90
C LEU C 49 8.09 20.34 3.81
N ILE C 50 9.02 19.52 3.33
CA ILE C 50 10.15 19.08 4.12
C ILE C 50 11.44 19.28 3.34
N GLY C 51 12.48 19.73 4.04
CA GLY C 51 13.80 19.82 3.48
C GLY C 51 14.81 19.27 4.46
N ARG C 52 15.89 18.72 3.92
CA ARG C 52 16.95 18.11 4.72
C ARG C 52 16.36 17.08 5.69
N THR C 53 15.56 16.18 5.14
CA THR C 53 15.01 15.03 5.85
C THR C 53 13.94 15.39 6.88
N TYR C 54 14.26 16.25 7.85
CA TYR C 54 13.38 16.48 8.98
C TYR C 54 12.77 17.88 9.07
N ASN C 55 13.34 18.87 8.39
CA ASN C 55 12.95 20.26 8.60
C ASN C 55 11.63 20.59 7.89
N ARG C 56 10.72 21.23 8.62
CA ARG C 56 9.51 21.78 8.04
C ARG C 56 9.82 23.11 7.38
N VAL C 57 9.36 23.28 6.14
CA VAL C 57 9.54 24.56 5.42
C VAL C 57 8.67 25.63 6.07
N PRO C 58 9.15 26.88 6.23
CA PRO C 58 8.36 27.89 6.94
C PRO C 58 6.93 28.04 6.44
N GLY C 59 5.96 27.77 7.31
CA GLY C 59 4.55 27.92 7.01
C GLY C 59 3.76 26.63 6.86
N VAL C 60 4.40 25.47 6.77
CA VAL C 60 3.68 24.20 6.55
C VAL C 60 3.13 23.73 7.90
N PRO C 61 1.89 23.22 7.94
CA PRO C 61 1.30 22.79 9.22
C PRO C 61 2.11 21.70 9.89
N ALA C 62 1.93 21.59 11.21
CA ALA C 62 2.72 20.68 12.03
C ALA C 62 2.38 19.22 11.82
N ARG C 63 1.25 18.90 11.17
CA ARG C 63 0.88 17.51 10.94
C ARG C 63 1.76 16.82 9.91
N PHE C 64 2.62 17.56 9.22
CA PHE C 64 3.58 16.98 8.29
C PHE C 64 4.88 16.70 9.03
N SER C 65 5.38 15.48 8.90
CA SER C 65 6.61 15.05 9.58
C SER C 65 7.56 14.42 8.59
N GLY C 66 8.86 14.68 8.78
CA GLY C 66 9.90 14.07 7.97
C GLY C 66 10.65 13.04 8.81
N SER C 67 10.94 11.90 8.20
CA SER C 67 11.45 10.77 8.97
C SER C 67 12.42 9.95 8.13
N LEU C 68 13.17 9.11 8.82
CA LEU C 68 13.93 8.03 8.21
C LEU C 68 13.32 6.71 8.65
N ILE C 69 12.89 5.89 7.69
CA ILE C 69 12.31 4.58 7.97
C ILE C 69 13.12 3.53 7.24
N GLY C 70 13.85 2.72 8.00
CA GLY C 70 14.69 1.69 7.40
C GLY C 70 15.71 2.29 6.45
N ASP C 71 15.68 1.85 5.20
CA ASP C 71 16.59 2.31 4.17
C ASP C 71 16.01 3.43 3.33
N LYS C 72 14.89 4.01 3.78
CA LYS C 72 14.14 5.00 3.00
C LYS C 72 13.94 6.27 3.82
N ALA C 73 13.72 7.37 3.11
CA ALA C 73 13.22 8.60 3.70
C ALA C 73 11.69 8.58 3.71
N ALA C 74 11.11 9.35 4.62
CA ALA C 74 9.69 9.20 4.90
C ALA C 74 9.04 10.54 5.22
N LEU C 75 7.85 10.72 4.69
CA LEU C 75 6.98 11.85 5.01
C LEU C 75 5.71 11.31 5.64
N THR C 76 5.39 11.76 6.84
CA THR C 76 4.24 11.26 7.59
C THR C 76 3.24 12.39 7.82
N ILE C 77 1.98 12.13 7.47
CA ILE C 77 0.89 13.06 7.70
C ILE C 77 0.08 12.52 8.86
N THR C 78 0.23 13.11 10.04
CA THR C 78 -0.48 12.68 11.24
C THR C 78 -1.80 13.47 11.32
N GLY C 79 -2.91 12.79 11.10
CA GLY C 79 -4.19 13.46 11.03
C GLY C 79 -4.41 14.06 9.65
N ALA C 80 -4.56 13.19 8.65
CA ALA C 80 -4.67 13.64 7.27
C ALA C 80 -5.99 14.36 7.01
N GLN C 81 -5.90 15.48 6.31
CA GLN C 81 -7.08 16.23 5.90
C GLN C 81 -7.34 15.98 4.41
N THR C 82 -8.56 16.28 3.98
CA THR C 82 -8.91 16.08 2.58
C THR C 82 -8.11 17.00 1.66
N GLU C 83 -7.78 18.20 2.12
CA GLU C 83 -6.90 19.11 1.39
C GLU C 83 -5.47 18.59 1.30
N ASP C 84 -5.11 17.54 2.04
CA ASP C 84 -3.82 16.90 1.89
C ASP C 84 -3.80 15.92 0.72
N GLU C 85 -4.94 15.73 0.06
CA GLU C 85 -5.05 14.91 -1.15
C GLU C 85 -4.37 15.63 -2.30
N ALA C 86 -3.23 15.13 -2.74
CA ALA C 86 -2.41 15.80 -3.75
C ALA C 86 -1.38 14.78 -4.26
N ILE C 87 -0.40 15.28 -5.01
CA ILE C 87 0.72 14.48 -5.48
C ILE C 87 1.97 14.93 -4.76
N TYR C 88 2.66 13.99 -4.11
CA TYR C 88 3.82 14.29 -3.27
C TYR C 88 5.09 13.78 -3.96
N PHE C 89 6.02 14.68 -4.22
CA PHE C 89 7.28 14.35 -4.87
C PHE C 89 8.41 14.34 -3.84
N CYS C 90 9.34 13.40 -4.02
CA CYS C 90 10.50 13.27 -3.14
C CYS C 90 11.77 13.48 -3.94
N ALA C 91 12.63 14.37 -3.44
CA ALA C 91 13.92 14.65 -4.06
C ALA C 91 15.04 14.15 -3.16
N LEU C 92 16.07 13.58 -3.78
CA LEU C 92 17.26 13.11 -3.08
C LEU C 92 18.50 13.80 -3.63
N TRP C 93 19.40 14.21 -2.72
CA TRP C 93 20.64 14.88 -3.11
C TRP C 93 21.75 13.86 -3.33
N TYR C 94 22.32 13.85 -4.52
CA TYR C 94 23.41 12.95 -4.88
C TYR C 94 24.66 13.79 -5.13
N SER C 95 25.32 14.17 -4.03
CA SER C 95 26.63 14.81 -4.06
C SER C 95 26.60 16.21 -4.65
N ASN C 96 26.02 16.38 -5.84
CA ASN C 96 26.01 17.68 -6.49
C ASN C 96 24.73 17.97 -7.26
N HIS C 97 23.67 17.19 -7.08
CA HIS C 97 22.42 17.45 -7.79
C HIS C 97 21.27 16.72 -7.10
N PHE C 98 20.06 17.17 -7.39
CA PHE C 98 18.83 16.57 -6.88
C PHE C 98 18.18 15.70 -7.96
N VAL C 99 17.53 14.63 -7.52
CA VAL C 99 16.74 13.76 -8.39
C VAL C 99 15.40 13.52 -7.71
N PHE C 100 14.33 13.98 -8.35
CA PHE C 100 12.99 13.76 -7.81
C PHE C 100 12.52 12.34 -8.12
N GLY C 101 11.59 11.86 -7.29
CA GLY C 101 10.98 10.57 -7.51
C GLY C 101 9.79 10.64 -8.45
N GLY C 102 9.23 9.46 -8.74
CA GLY C 102 8.10 9.38 -9.65
C GLY C 102 6.85 10.06 -9.14
N GLY C 103 6.77 10.33 -7.84
CA GLY C 103 5.60 10.93 -7.25
C GLY C 103 4.69 9.91 -6.59
N THR C 104 3.92 10.38 -5.61
CA THR C 104 2.92 9.56 -4.93
C THR C 104 1.60 10.31 -4.94
N LYS C 105 0.56 9.70 -5.50
CA LYS C 105 -0.78 10.26 -5.49
C LYS C 105 -1.46 9.85 -4.19
N LEU C 106 -1.58 10.79 -3.26
CA LEU C 106 -2.23 10.53 -1.98
C LEU C 106 -3.73 10.81 -2.09
N THR C 107 -4.53 9.82 -1.71
CA THR C 107 -5.98 9.95 -1.66
C THR C 107 -6.42 9.95 -0.20
N VAL C 108 -7.04 11.03 0.23
CA VAL C 108 -7.70 11.10 1.54
C VAL C 108 -9.19 11.09 1.28
N LEU C 109 -9.85 10.00 1.67
CA LEU C 109 -11.20 9.70 1.19
C LEU C 109 -12.20 10.82 1.44
N LYS C 110 -12.62 11.48 0.36
CA LYS C 110 -13.67 12.48 0.44
C LYS C 110 -15.06 11.86 0.26
N ARG C 111 -15.12 10.63 -0.21
CA ARG C 111 -16.36 9.94 -0.49
C ARG C 111 -16.05 8.45 -0.62
N THR C 112 -17.06 7.67 -1.00
CA THR C 112 -16.82 6.26 -1.26
C THR C 112 -15.98 6.10 -2.53
N VAL C 113 -15.17 5.04 -2.56
CA VAL C 113 -14.42 4.74 -3.77
C VAL C 113 -15.39 4.45 -4.89
N ALA C 114 -15.20 5.12 -6.02
CA ALA C 114 -16.10 4.99 -7.17
C ALA C 114 -15.32 4.39 -8.32
N ALA C 115 -15.75 3.21 -8.77
CA ALA C 115 -15.12 2.60 -9.92
C ALA C 115 -15.54 3.34 -11.18
N PRO C 116 -14.74 3.30 -12.23
CA PRO C 116 -15.12 3.98 -13.46
C PRO C 116 -15.95 3.09 -14.37
N SER C 117 -16.74 3.74 -15.20
CA SER C 117 -17.46 3.08 -16.27
C SER C 117 -16.68 3.29 -17.55
N VAL C 118 -16.40 2.20 -18.25
CA VAL C 118 -15.45 2.20 -19.36
C VAL C 118 -16.23 2.09 -20.66
N PHE C 119 -15.86 2.91 -21.64
CA PHE C 119 -16.46 2.90 -22.96
C PHE C 119 -15.34 2.95 -23.99
N ILE C 120 -15.48 2.17 -25.05
CA ILE C 120 -14.49 2.12 -26.12
C ILE C 120 -15.16 2.56 -27.42
N PHE C 121 -14.45 3.41 -28.17
CA PHE C 121 -14.93 3.92 -29.45
C PHE C 121 -13.99 3.47 -30.54
N PRO C 122 -14.46 2.71 -31.53
CA PRO C 122 -13.61 2.36 -32.67
C PRO C 122 -13.40 3.57 -33.56
N PRO C 123 -12.39 3.55 -34.43
CA PRO C 123 -12.16 4.69 -35.31
C PRO C 123 -13.34 4.92 -36.23
N SER C 124 -13.62 6.19 -36.50
CA SER C 124 -14.69 6.57 -37.43
C SER C 124 -14.32 6.18 -38.86
N ASP C 125 -15.34 5.95 -39.68
CA ASP C 125 -15.10 5.68 -41.10
C ASP C 125 -14.45 6.88 -41.78
N GLU C 126 -14.81 8.09 -41.37
CA GLU C 126 -14.19 9.29 -41.94
C GLU C 126 -12.69 9.32 -41.68
N GLN C 127 -12.28 8.97 -40.46
CA GLN C 127 -10.85 8.93 -40.15
C GLN C 127 -10.15 7.77 -40.85
N LEU C 128 -10.80 6.60 -40.93
CA LEU C 128 -10.16 5.45 -41.55
C LEU C 128 -9.82 5.72 -43.01
N LYS C 129 -10.64 6.51 -43.69
CA LYS C 129 -10.35 6.87 -45.07
C LYS C 129 -9.16 7.82 -45.19
N SER C 130 -8.88 8.59 -44.13
CA SER C 130 -7.68 9.42 -44.10
C SER C 130 -6.41 8.58 -44.20
N GLY C 131 -6.43 7.34 -43.70
CA GLY C 131 -5.25 6.52 -43.60
C GLY C 131 -4.68 6.38 -42.21
N THR C 132 -5.35 6.93 -41.20
CA THR C 132 -4.98 6.74 -39.81
C THR C 132 -6.20 6.24 -39.05
N ALA C 133 -5.94 5.61 -37.91
CA ALA C 133 -6.99 5.04 -37.07
C ALA C 133 -6.70 5.36 -35.60
N SER C 134 -7.71 5.83 -34.88
CA SER C 134 -7.58 6.17 -33.46
C SER C 134 -8.68 5.46 -32.69
N VAL C 135 -8.28 4.66 -31.71
CA VAL C 135 -9.22 4.00 -30.80
C VAL C 135 -9.25 4.78 -29.50
N VAL C 136 -10.45 5.17 -29.07
CA VAL C 136 -10.64 6.01 -27.88
C VAL C 136 -11.27 5.17 -26.79
N CYS C 137 -10.64 5.18 -25.61
CA CYS C 137 -11.18 4.55 -24.42
C CYS C 137 -11.52 5.64 -23.40
N LEU C 138 -12.70 5.53 -22.80
CA LEU C 138 -13.20 6.54 -21.87
C LEU C 138 -13.46 5.93 -20.51
N LEU C 139 -12.99 6.60 -19.46
CA LEU C 139 -13.27 6.26 -18.08
C LEU C 139 -14.03 7.44 -17.48
N ASN C 140 -15.23 7.19 -16.95
CA ASN C 140 -16.11 8.26 -16.52
C ASN C 140 -16.42 8.17 -15.03
N ASN C 141 -16.20 9.30 -14.34
CA ASN C 141 -16.62 9.52 -12.95
C ASN C 141 -16.06 8.44 -12.01
N PHE C 142 -14.75 8.48 -11.84
CA PHE C 142 -14.07 7.62 -10.87
C PHE C 142 -13.37 8.46 -9.82
N TYR C 143 -13.16 7.83 -8.66
CA TYR C 143 -12.43 8.35 -7.53
C TYR C 143 -11.89 7.11 -6.83
N PRO C 144 -10.60 7.08 -6.44
CA PRO C 144 -9.50 8.03 -6.60
C PRO C 144 -9.04 8.28 -8.05
N ARG C 145 -8.10 9.21 -8.19
CA ARG C 145 -7.54 9.55 -9.50
C ARG C 145 -6.77 8.37 -10.10
N GLU C 146 -6.01 7.66 -9.28
CA GLU C 146 -5.09 6.64 -9.79
C GLU C 146 -5.83 5.56 -10.56
N ALA C 147 -5.42 5.34 -11.81
CA ALA C 147 -5.97 4.30 -12.65
C ALA C 147 -4.99 4.04 -13.79
N LYS C 148 -4.92 2.80 -14.23
CA LYS C 148 -4.03 2.38 -15.31
C LYS C 148 -4.84 1.93 -16.51
N VAL C 149 -4.58 2.53 -17.66
CA VAL C 149 -5.26 2.22 -18.92
C VAL C 149 -4.26 1.53 -19.83
N GLN C 150 -4.51 0.25 -20.13
CA GLN C 150 -3.62 -0.54 -20.98
C GLN C 150 -4.34 -0.90 -22.27
N TRP C 151 -3.68 -0.64 -23.40
CA TRP C 151 -4.21 -0.96 -24.71
C TRP C 151 -3.66 -2.31 -25.16
N LYS C 152 -4.55 -3.20 -25.60
CA LYS C 152 -4.15 -4.52 -26.07
C LYS C 152 -4.69 -4.73 -27.48
N VAL C 153 -3.80 -4.88 -28.45
CA VAL C 153 -4.17 -5.15 -29.83
C VAL C 153 -3.86 -6.62 -30.11
N ASP C 154 -4.92 -7.42 -30.22
CA ASP C 154 -4.79 -8.87 -30.38
C ASP C 154 -3.96 -9.47 -29.25
N ASN C 155 -4.28 -9.04 -28.02
CA ASN C 155 -3.66 -9.46 -26.77
C ASN C 155 -2.23 -8.95 -26.59
N ALA C 156 -1.76 -8.05 -27.46
CA ALA C 156 -0.43 -7.48 -27.36
C ALA C 156 -0.51 -6.15 -26.63
N LEU C 157 0.21 -6.04 -25.51
CA LEU C 157 0.24 -4.79 -24.76
C LEU C 157 0.91 -3.70 -25.58
N GLN C 158 0.29 -2.53 -25.64
CA GLN C 158 0.80 -1.43 -26.44
C GLN C 158 1.63 -0.47 -25.59
N SER C 159 2.47 0.30 -26.26
CA SER C 159 3.36 1.23 -25.59
C SER C 159 3.90 2.23 -26.61
N GLY C 160 4.00 3.48 -26.21
CA GLY C 160 4.55 4.52 -27.06
C GLY C 160 3.66 4.99 -28.17
N ASN C 161 2.40 4.53 -28.23
CA ASN C 161 1.49 4.91 -29.30
C ASN C 161 0.12 5.31 -28.77
N SER C 162 0.02 5.57 -27.47
CA SER C 162 -1.24 5.99 -26.85
C SER C 162 -0.96 7.10 -25.88
N GLN C 163 -1.86 8.09 -25.83
CA GLN C 163 -1.69 9.25 -24.98
C GLN C 163 -2.94 9.47 -24.14
N GLU C 164 -2.73 9.89 -22.89
CA GLU C 164 -3.78 9.96 -21.87
C GLU C 164 -4.08 11.41 -21.53
N SER C 165 -5.31 11.66 -21.07
CA SER C 165 -5.72 12.97 -20.60
C SER C 165 -6.84 12.80 -19.58
N VAL C 166 -6.82 13.62 -18.54
CA VAL C 166 -7.77 13.52 -17.42
C VAL C 166 -8.37 14.89 -17.14
N THR C 167 -9.61 14.89 -16.67
CA THR C 167 -10.28 16.12 -16.28
C THR C 167 -9.90 16.52 -14.85
N GLU C 168 -10.23 17.75 -14.49
CA GLU C 168 -10.07 18.20 -13.12
C GLU C 168 -11.09 17.52 -12.21
N GLN C 169 -10.71 17.36 -10.94
CA GLN C 169 -11.61 16.74 -9.96
C GLN C 169 -12.90 17.54 -9.86
N ASP C 170 -14.03 16.82 -9.88
CA ASP C 170 -15.33 17.48 -9.81
C ASP C 170 -15.54 18.08 -8.42
N SER C 171 -15.89 19.37 -8.39
CA SER C 171 -16.03 20.08 -7.12
C SER C 171 -17.22 19.59 -6.29
N LYS C 172 -18.17 18.88 -6.89
CA LYS C 172 -19.38 18.49 -6.18
C LYS C 172 -19.44 17.01 -5.86
N ASP C 173 -18.70 16.15 -6.57
CA ASP C 173 -18.69 14.74 -6.23
C ASP C 173 -17.33 14.08 -6.40
N SER C 174 -16.25 14.87 -6.48
CA SER C 174 -14.88 14.41 -6.37
C SER C 174 -14.46 13.46 -7.49
N THR C 175 -15.25 13.35 -8.56
CA THR C 175 -14.99 12.39 -9.61
C THR C 175 -14.00 12.94 -10.65
N TYR C 176 -13.31 12.02 -11.31
CA TYR C 176 -12.42 12.31 -12.41
C TYR C 176 -12.89 11.57 -13.64
N SER C 177 -12.57 12.12 -14.82
CA SER C 177 -12.81 11.43 -16.07
C SER C 177 -11.52 11.39 -16.89
N LEU C 178 -11.29 10.30 -17.61
CA LEU C 178 -10.08 10.10 -18.37
C LEU C 178 -10.42 9.56 -19.75
N SER C 179 -9.70 10.02 -20.77
CA SER C 179 -9.84 9.50 -22.12
C SER C 179 -8.46 9.14 -22.65
N SER C 180 -8.31 7.92 -23.16
CA SER C 180 -7.05 7.43 -23.72
C SER C 180 -7.23 7.18 -25.20
N THR C 181 -6.38 7.79 -26.02
CA THR C 181 -6.44 7.64 -27.47
C THR C 181 -5.22 6.87 -27.95
N LEU C 182 -5.47 5.77 -28.66
CA LEU C 182 -4.43 4.95 -29.28
C LEU C 182 -4.56 5.10 -30.80
N THR C 183 -3.54 5.66 -31.44
CA THR C 183 -3.56 5.92 -32.86
C THR C 183 -2.54 5.06 -33.58
N LEU C 184 -2.91 4.58 -34.77
CA LEU C 184 -2.07 3.71 -35.58
C LEU C 184 -2.27 4.12 -37.03
N SER C 185 -1.27 3.79 -37.86
CA SER C 185 -1.49 3.64 -39.29
C SER C 185 -2.81 2.94 -39.57
N LYS C 186 -3.50 3.31 -40.65
CA LYS C 186 -4.55 2.43 -41.15
C LYS C 186 -4.00 1.06 -41.49
N ALA C 187 -2.77 0.98 -42.00
CA ALA C 187 -2.19 -0.29 -42.40
C ALA C 187 -2.05 -1.25 -41.22
N ASP C 188 -1.30 -0.85 -40.19
CA ASP C 188 -1.15 -1.73 -39.03
C ASP C 188 -2.48 -1.98 -38.35
N TYR C 189 -3.42 -1.03 -38.45
CA TYR C 189 -4.75 -1.24 -37.90
C TYR C 189 -5.44 -2.41 -38.59
N GLU C 190 -5.31 -2.50 -39.91
CA GLU C 190 -6.01 -3.53 -40.67
C GLU C 190 -5.41 -4.91 -40.51
N LYS C 191 -4.27 -5.04 -39.83
CA LYS C 191 -3.66 -6.36 -39.63
C LYS C 191 -4.12 -7.03 -38.34
N HIS C 192 -5.13 -6.50 -37.67
CA HIS C 192 -5.56 -7.09 -36.41
C HIS C 192 -7.08 -7.05 -36.30
N LYS C 193 -7.57 -7.75 -35.28
CA LYS C 193 -8.99 -8.03 -35.12
C LYS C 193 -9.55 -7.43 -33.86
N VAL C 194 -8.99 -7.74 -32.69
CA VAL C 194 -9.55 -7.38 -31.40
C VAL C 194 -8.75 -6.24 -30.81
N TYR C 195 -9.44 -5.14 -30.52
CA TYR C 195 -8.85 -3.98 -29.86
C TYR C 195 -9.54 -3.84 -28.50
N ALA C 196 -8.75 -3.83 -27.44
CA ALA C 196 -9.27 -3.93 -26.09
C ALA C 196 -8.70 -2.81 -25.23
N CYS C 197 -9.44 -2.45 -24.18
CA CYS C 197 -9.05 -1.41 -23.25
C CYS C 197 -9.12 -1.99 -21.83
N GLU C 198 -7.96 -2.30 -21.26
CA GLU C 198 -7.87 -2.87 -19.93
C GLU C 198 -7.68 -1.75 -18.91
N VAL C 199 -8.48 -1.77 -17.85
CA VAL C 199 -8.53 -0.68 -16.88
C VAL C 199 -8.32 -1.25 -15.50
N THR C 200 -7.25 -0.82 -14.84
CA THR C 200 -6.98 -1.17 -13.45
C THR C 200 -7.34 0.02 -12.57
N HIS C 201 -8.12 -0.24 -11.53
CA HIS C 201 -8.56 0.83 -10.64
C HIS C 201 -8.82 0.25 -9.26
N GLN C 202 -8.85 1.14 -8.27
CA GLN C 202 -9.03 0.70 -6.89
C GLN C 202 -10.46 0.27 -6.61
N GLY C 203 -11.43 0.78 -7.39
CA GLY C 203 -12.81 0.37 -7.26
C GLY C 203 -13.14 -0.96 -7.88
N LEU C 204 -12.22 -1.55 -8.64
CA LEU C 204 -12.41 -2.84 -9.28
C LEU C 204 -11.58 -3.90 -8.60
N SER C 205 -12.22 -5.02 -8.24
CA SER C 205 -11.50 -6.14 -7.66
C SER C 205 -10.51 -6.73 -8.67
N SER C 206 -10.96 -6.93 -9.90
CA SER C 206 -10.17 -7.37 -11.03
C SER C 206 -10.23 -6.33 -12.14
N PRO C 207 -9.19 -6.23 -12.99
CA PRO C 207 -9.21 -5.24 -14.06
C PRO C 207 -10.32 -5.55 -15.07
N VAL C 208 -11.06 -4.53 -15.45
CA VAL C 208 -12.13 -4.66 -16.43
C VAL C 208 -11.58 -4.42 -17.81
N THR C 209 -12.02 -5.23 -18.76
CA THR C 209 -11.65 -5.07 -20.16
C THR C 209 -12.90 -4.81 -20.98
N LYS C 210 -12.89 -3.73 -21.75
CA LYS C 210 -13.93 -3.43 -22.71
C LYS C 210 -13.28 -3.45 -24.09
N SER C 211 -13.76 -4.31 -24.95
CA SER C 211 -13.10 -4.63 -26.20
C SER C 211 -14.11 -4.54 -27.34
N PHE C 212 -13.60 -4.44 -28.56
CA PHE C 212 -14.42 -4.62 -29.73
C PHE C 212 -13.65 -5.43 -30.76
N ASN C 213 -14.36 -6.27 -31.48
CA ASN C 213 -13.82 -7.13 -32.51
C ASN C 213 -14.10 -6.51 -33.86
N ARG C 214 -13.12 -6.55 -34.75
CA ARG C 214 -13.32 -6.01 -36.09
C ARG C 214 -14.08 -6.96 -36.99
N GLY C 215 -14.74 -7.95 -36.41
CA GLY C 215 -15.65 -8.82 -37.13
C GLY C 215 -17.09 -8.45 -36.87
N GLU C 216 -17.48 -7.24 -37.23
CA GLU C 216 -18.88 -6.79 -37.17
C GLU C 216 -19.02 -5.49 -37.96
N GLU D 2 2.40 39.11 -1.26
CA GLU D 2 3.24 40.16 -1.81
C GLU D 2 4.47 39.57 -2.48
N VAL D 3 4.58 38.24 -2.47
CA VAL D 3 5.73 37.55 -3.01
C VAL D 3 5.51 37.22 -4.49
N LYS D 4 6.45 37.64 -5.32
CA LYS D 4 6.40 37.55 -6.78
C LYS D 4 7.56 36.73 -7.30
N LEU D 5 7.27 35.57 -7.88
CA LEU D 5 8.25 34.88 -8.72
C LEU D 5 7.67 34.91 -10.14
N HIS D 6 7.96 36.00 -10.85
CA HIS D 6 7.36 36.28 -12.13
C HIS D 6 8.22 35.71 -13.25
N GLN D 7 7.69 34.71 -13.96
CA GLN D 7 8.40 34.05 -15.05
C GLN D 7 7.92 34.61 -16.40
N SER D 8 8.79 34.44 -17.41
CA SER D 8 8.54 34.93 -18.75
C SER D 8 9.61 34.36 -19.68
N GLY D 9 9.30 34.35 -20.97
CA GLY D 9 10.31 34.03 -21.97
C GLY D 9 10.33 32.61 -22.50
N GLY D 10 9.16 32.01 -22.71
CA GLY D 10 9.11 30.67 -23.24
C GLY D 10 8.43 30.57 -24.59
N GLY D 11 7.31 29.84 -24.63
CA GLY D 11 6.51 29.74 -25.84
C GLY D 11 6.92 28.62 -26.79
N LEU D 12 6.84 28.91 -28.09
CA LEU D 12 7.10 27.92 -29.13
C LEU D 12 8.57 27.90 -29.52
N VAL D 13 9.11 26.68 -29.70
CA VAL D 13 10.46 26.50 -30.21
C VAL D 13 10.46 25.37 -31.22
N GLN D 14 11.31 25.51 -32.24
CA GLN D 14 11.51 24.37 -33.11
C GLN D 14 12.63 23.49 -32.57
N PRO D 15 12.63 22.19 -32.87
CA PRO D 15 13.73 21.33 -32.41
C PRO D 15 15.08 21.82 -32.93
N GLY D 16 16.03 21.96 -32.00
CA GLY D 16 17.31 22.57 -32.33
C GLY D 16 17.39 24.06 -32.14
N GLY D 17 16.41 24.67 -31.47
CA GLY D 17 16.40 26.10 -31.27
C GLY D 17 17.01 26.53 -29.95
N PHE D 18 16.82 27.81 -29.64
CA PHE D 18 17.35 28.46 -28.46
C PHE D 18 16.22 29.09 -27.67
N LEU D 19 16.45 29.34 -26.38
CA LEU D 19 15.48 30.07 -25.56
C LEU D 19 16.09 30.53 -24.22
N LYS D 20 15.52 31.66 -23.75
CA LYS D 20 15.86 32.43 -22.56
C LYS D 20 14.63 32.50 -21.66
N ILE D 21 14.67 31.86 -20.49
CA ILE D 21 13.55 32.02 -19.57
C ILE D 21 13.98 32.94 -18.45
N SER D 22 13.13 33.90 -18.13
CA SER D 22 13.36 34.83 -17.06
C SER D 22 12.49 34.48 -15.86
N CYS D 23 13.04 34.69 -14.66
CA CYS D 23 12.27 34.66 -13.44
C CYS D 23 12.72 35.84 -12.59
N VAL D 24 11.83 36.80 -12.39
CA VAL D 24 12.12 38.01 -11.65
C VAL D 24 11.48 37.88 -10.28
N VAL D 25 12.29 37.97 -9.23
CA VAL D 25 11.88 37.62 -7.88
C VAL D 25 11.66 38.91 -7.09
N SER D 26 10.52 38.98 -6.39
CA SER D 26 10.22 40.12 -5.54
C SER D 26 9.44 39.63 -4.33
N GLY D 27 9.67 40.30 -3.19
CA GLY D 27 9.03 39.93 -1.96
C GLY D 27 9.90 39.16 -0.99
N ILE D 28 11.07 38.71 -1.41
CA ILE D 28 12.00 37.97 -0.56
C ILE D 28 13.41 38.48 -0.83
N ASP D 29 14.30 38.23 0.12
CA ASP D 29 15.70 38.57 -0.06
C ASP D 29 16.35 37.57 -1.01
N PHE D 30 16.30 37.86 -2.30
CA PHE D 30 16.87 36.99 -3.34
C PHE D 30 18.33 36.68 -3.09
N SER D 31 19.06 37.60 -2.47
CA SER D 31 20.48 37.36 -2.21
C SER D 31 20.70 36.13 -1.35
N ARG D 32 19.75 35.81 -0.48
CA ARG D 32 19.98 34.78 0.53
C ARG D 32 19.52 33.39 0.11
N TYR D 33 18.83 33.25 -1.03
CA TYR D 33 18.28 31.97 -1.43
C TYR D 33 19.07 31.35 -2.57
N TRP D 34 19.11 30.01 -2.57
CA TRP D 34 19.57 29.26 -3.72
C TRP D 34 18.41 29.16 -4.71
N MET D 35 18.71 29.32 -6.00
CA MET D 35 17.68 29.37 -7.03
C MET D 35 17.82 28.21 -7.99
N SER D 36 16.72 27.50 -8.22
CA SER D 36 16.72 26.29 -9.03
C SER D 36 15.67 26.39 -10.13
N TRP D 37 15.89 25.64 -11.19
CA TRP D 37 14.92 25.45 -12.27
C TRP D 37 14.46 24.00 -12.26
N VAL D 38 13.15 23.79 -12.29
CA VAL D 38 12.58 22.45 -12.30
C VAL D 38 11.43 22.44 -13.30
N ARG D 39 11.29 21.35 -14.03
CA ARG D 39 10.29 21.25 -15.08
C ARG D 39 9.34 20.09 -14.81
N ARG D 40 8.11 20.21 -15.31
CA ARG D 40 7.13 19.15 -15.21
C ARG D 40 6.42 18.99 -16.55
N ALA D 41 6.40 17.76 -17.05
CA ALA D 41 5.70 17.38 -18.26
C ALA D 41 4.65 16.33 -17.90
N PRO D 42 3.59 16.19 -18.71
CA PRO D 42 2.49 15.28 -18.31
C PRO D 42 2.92 13.85 -18.04
N GLY D 43 3.75 13.26 -18.91
CA GLY D 43 4.15 11.88 -18.70
C GLY D 43 5.22 11.70 -17.64
N LYS D 44 6.02 12.73 -17.40
CA LYS D 44 7.07 12.66 -16.40
C LYS D 44 6.56 13.27 -15.10
N GLY D 45 7.45 13.31 -14.10
CA GLY D 45 7.07 13.94 -12.85
C GLY D 45 7.66 15.31 -12.75
N LEU D 46 8.37 15.58 -11.66
CA LEU D 46 9.18 16.78 -11.52
C LEU D 46 10.62 16.40 -11.82
N GLU D 47 11.26 17.13 -12.71
CA GLU D 47 12.67 16.89 -13.03
C GLU D 47 13.47 18.10 -12.57
N TRP D 48 14.30 17.88 -11.56
CA TRP D 48 15.21 18.91 -11.09
C TRP D 48 16.29 19.13 -12.15
N ILE D 49 16.33 20.32 -12.74
CA ILE D 49 17.28 20.62 -13.80
C ILE D 49 18.62 21.07 -13.24
N GLY D 50 18.61 22.05 -12.36
CA GLY D 50 19.86 22.54 -11.78
C GLY D 50 19.57 23.67 -10.81
N GLU D 51 20.64 24.13 -10.16
CA GLU D 51 20.55 25.19 -9.17
C GLU D 51 21.76 26.10 -9.29
N ILE D 52 21.59 27.34 -8.85
CA ILE D 52 22.68 28.31 -8.76
C ILE D 52 22.70 28.87 -7.35
N THR D 53 23.89 29.01 -6.78
CA THR D 53 24.05 29.43 -5.40
C THR D 53 23.70 30.91 -5.23
N PRO D 54 23.55 31.39 -3.98
CA PRO D 54 23.31 32.82 -3.78
C PRO D 54 24.38 33.71 -4.39
N ASP D 55 25.65 33.31 -4.30
CA ASP D 55 26.76 34.12 -4.78
C ASP D 55 27.06 33.94 -6.26
N SER D 56 26.41 32.99 -6.93
CA SER D 56 26.59 32.64 -8.34
C SER D 56 27.91 31.91 -8.59
N ASN D 57 28.63 31.54 -7.54
CA ASN D 57 29.96 30.97 -7.68
C ASN D 57 29.95 29.45 -7.80
N THR D 58 28.80 28.82 -7.76
CA THR D 58 28.70 27.39 -8.04
C THR D 58 27.40 27.13 -8.78
N ILE D 59 27.49 26.39 -9.87
CA ILE D 59 26.33 26.01 -10.66
C ILE D 59 26.30 24.49 -10.71
N ASN D 60 25.22 23.91 -10.20
CA ASN D 60 25.07 22.46 -10.13
C ASN D 60 23.98 22.02 -11.10
N TYR D 61 24.27 20.95 -11.84
CA TYR D 61 23.36 20.36 -12.79
C TYR D 61 23.22 18.87 -12.50
N VAL D 62 22.13 18.29 -12.98
CA VAL D 62 22.06 16.84 -13.15
C VAL D 62 22.76 16.49 -14.47
N PRO D 63 23.61 15.46 -14.51
CA PRO D 63 24.50 15.32 -15.68
C PRO D 63 23.80 15.22 -17.03
N SER D 64 22.62 14.62 -17.11
CA SER D 64 21.99 14.44 -18.42
C SER D 64 21.45 15.75 -19.01
N LEU D 65 21.30 16.79 -18.20
CA LEU D 65 20.76 18.06 -18.70
C LEU D 65 21.77 19.20 -18.69
N LYS D 66 23.01 18.94 -18.25
CA LYS D 66 24.02 20.01 -18.20
C LYS D 66 24.28 20.59 -19.58
N ASP D 67 24.32 19.74 -20.61
CA ASP D 67 24.82 20.17 -21.91
C ASP D 67 23.84 21.10 -22.60
N ASN D 68 22.54 20.89 -22.41
CA ASN D 68 21.52 21.66 -23.13
C ASN D 68 20.93 22.80 -22.32
N PHE D 69 21.18 22.86 -21.02
CA PHE D 69 20.61 23.89 -20.15
C PHE D 69 21.72 24.71 -19.50
N GLY D 70 21.51 26.02 -19.42
CA GLY D 70 22.46 26.92 -18.79
C GLY D 70 21.82 27.89 -17.82
N ILE D 71 22.19 27.80 -16.54
CA ILE D 71 21.58 28.58 -15.47
C ILE D 71 22.47 29.77 -15.14
N SER D 72 21.86 30.94 -15.02
CA SER D 72 22.56 32.14 -14.59
C SER D 72 21.63 32.96 -13.70
N ARG D 73 22.22 33.85 -12.91
CA ARG D 73 21.45 34.74 -12.06
C ARG D 73 22.17 36.08 -11.99
N ASP D 74 21.42 37.12 -11.63
CA ASP D 74 21.97 38.46 -11.43
C ASP D 74 21.30 39.03 -10.19
N ASN D 75 22.01 39.04 -9.07
CA ASN D 75 21.42 39.49 -7.81
C ASN D 75 21.03 40.96 -7.88
N ALA D 76 21.76 41.75 -8.66
CA ALA D 76 21.40 43.16 -8.83
C ALA D 76 20.00 43.30 -9.41
N LYS D 77 19.69 42.56 -10.47
CA LYS D 77 18.37 42.59 -11.08
C LYS D 77 17.40 41.60 -10.47
N ASN D 78 17.86 40.73 -9.58
CA ASN D 78 17.01 39.74 -8.94
C ASN D 78 16.34 38.82 -9.94
N THR D 79 17.08 38.46 -10.97
CA THR D 79 16.52 37.62 -12.01
C THR D 79 17.35 36.35 -12.08
N LEU D 80 16.65 35.27 -12.40
CA LEU D 80 17.27 33.98 -12.62
C LEU D 80 16.98 33.63 -14.07
N PHE D 81 18.01 33.15 -14.75
CA PHE D 81 17.89 32.85 -16.16
C PHE D 81 18.14 31.37 -16.40
N LEU D 82 17.44 30.84 -17.40
CA LEU D 82 17.67 29.49 -17.88
C LEU D 82 17.80 29.58 -19.39
N GLN D 83 18.94 29.13 -19.91
CA GLN D 83 19.17 29.10 -21.35
C GLN D 83 19.03 27.66 -21.84
N MET D 84 18.18 27.47 -22.84
CA MET D 84 17.97 26.16 -23.44
C MET D 84 18.51 26.20 -24.86
N THR D 85 19.46 25.32 -25.16
CA THR D 85 20.14 25.30 -26.45
C THR D 85 20.08 23.90 -27.04
N LYS D 86 19.96 23.83 -28.36
CA LYS D 86 19.88 22.56 -29.09
C LYS D 86 18.79 21.67 -28.48
N VAL D 87 17.59 22.22 -28.41
CA VAL D 87 16.52 21.64 -27.60
C VAL D 87 15.90 20.46 -28.31
N ARG D 88 15.50 19.47 -27.52
CA ARG D 88 14.85 18.28 -28.01
C ARG D 88 13.34 18.47 -28.01
N SER D 89 12.66 17.64 -28.80
CA SER D 89 11.20 17.63 -28.76
C SER D 89 10.71 17.12 -27.41
N GLU D 90 11.51 16.29 -26.74
CA GLU D 90 11.17 15.75 -25.42
C GLU D 90 11.21 16.81 -24.32
N ASP D 91 11.71 18.02 -24.62
CA ASP D 91 11.84 19.07 -23.62
C ASP D 91 10.54 19.83 -23.37
N THR D 92 9.48 19.54 -24.14
CA THR D 92 8.20 20.17 -23.92
C THR D 92 7.71 19.92 -22.50
N ALA D 93 7.58 20.98 -21.72
CA ALA D 93 7.14 20.88 -20.34
C ALA D 93 6.83 22.28 -19.81
N LEU D 94 6.31 22.34 -18.59
CA LEU D 94 6.18 23.58 -17.84
C LEU D 94 7.39 23.73 -16.93
N TYR D 95 8.16 24.78 -17.14
CA TYR D 95 9.39 25.01 -16.39
C TYR D 95 9.09 25.94 -15.22
N PHE D 96 9.67 25.64 -14.07
CA PHE D 96 9.29 26.31 -12.83
C PHE D 96 10.51 26.90 -12.13
N CYS D 97 10.43 28.20 -11.84
CA CYS D 97 11.38 28.94 -11.00
C CYS D 97 11.11 28.60 -9.54
N ALA D 98 12.05 27.91 -8.86
CA ALA D 98 11.84 27.48 -7.49
C ALA D 98 12.96 27.94 -6.56
N SER D 99 12.58 28.49 -5.42
CA SER D 99 13.49 28.86 -4.33
C SER D 99 14.01 27.63 -3.59
N TYR D 100 15.24 27.70 -3.10
CA TYR D 100 15.76 26.67 -2.20
C TYR D 100 16.46 27.32 -1.01
N TYR D 101 16.07 26.90 0.21
CA TYR D 101 16.73 27.31 1.44
C TYR D 101 16.56 26.21 2.49
N GLU D 102 15.49 26.27 3.27
CA GLU D 102 15.09 25.09 4.03
C GLU D 102 14.59 24.01 3.08
N GLY D 103 13.80 24.42 2.09
CA GLY D 103 13.32 23.54 1.04
C GLY D 103 12.95 24.38 -0.15
N PHE D 104 12.08 23.82 -1.00
CA PHE D 104 11.58 24.55 -2.16
C PHE D 104 10.33 25.33 -1.72
N ALA D 105 10.58 26.46 -1.06
CA ALA D 105 9.50 27.23 -0.44
C ALA D 105 8.72 28.04 -1.46
N TYR D 106 9.40 28.86 -2.25
CA TYR D 106 8.77 29.80 -3.16
C TYR D 106 8.90 29.32 -4.59
N TRP D 107 7.83 29.45 -5.37
CA TRP D 107 7.77 28.95 -6.72
C TRP D 107 7.33 30.04 -7.68
N GLY D 108 7.61 29.83 -8.97
CA GLY D 108 7.12 30.70 -10.00
C GLY D 108 5.78 30.24 -10.53
N GLN D 109 5.17 31.08 -11.37
CA GLN D 109 3.86 30.75 -11.90
C GLN D 109 3.92 29.65 -12.96
N GLY D 110 5.06 29.44 -13.58
CA GLY D 110 5.22 28.43 -14.60
C GLY D 110 5.41 29.06 -15.97
N THR D 111 6.33 28.50 -16.75
CA THR D 111 6.58 28.93 -18.12
C THR D 111 6.42 27.73 -19.04
N LEU D 112 5.52 27.85 -19.99
CA LEU D 112 5.22 26.76 -20.92
C LEU D 112 6.20 26.82 -22.09
N VAL D 113 6.81 25.67 -22.39
CA VAL D 113 7.75 25.54 -23.51
C VAL D 113 7.23 24.44 -24.43
N THR D 114 6.86 24.81 -25.65
CA THR D 114 6.43 23.86 -26.67
C THR D 114 7.53 23.74 -27.71
N VAL D 115 8.08 22.54 -27.83
CA VAL D 115 9.03 22.22 -28.89
C VAL D 115 8.26 21.48 -29.97
N SER D 116 8.06 22.12 -31.12
CA SER D 116 7.36 21.50 -32.24
C SER D 116 7.75 22.20 -33.53
N ALA D 117 7.83 21.41 -34.61
CA ALA D 117 8.14 21.92 -35.93
C ALA D 117 6.90 22.12 -36.80
N ALA D 118 5.72 22.13 -36.19
CA ALA D 118 4.46 22.15 -36.92
C ALA D 118 4.13 23.56 -37.41
N SER D 119 3.32 23.60 -38.47
CA SER D 119 2.72 24.86 -38.93
C SER D 119 1.27 24.93 -38.47
N THR D 120 0.66 26.08 -38.71
CA THR D 120 -0.73 26.27 -38.30
C THR D 120 -1.63 25.35 -39.13
N LYS D 121 -2.28 24.41 -38.46
CA LYS D 121 -3.16 23.46 -39.13
C LYS D 121 -4.50 23.42 -38.40
N GLY D 122 -5.57 23.25 -39.16
CA GLY D 122 -6.88 23.10 -38.60
C GLY D 122 -7.14 21.65 -38.28
N PRO D 123 -8.06 21.40 -37.35
CA PRO D 123 -8.31 20.03 -36.91
C PRO D 123 -9.28 19.30 -37.83
N SER D 124 -9.28 17.98 -37.67
CA SER D 124 -10.30 17.12 -38.24
C SER D 124 -11.14 16.60 -37.09
N VAL D 125 -12.45 16.60 -37.27
CA VAL D 125 -13.39 16.26 -36.20
C VAL D 125 -14.05 14.94 -36.58
N PHE D 126 -13.76 13.90 -35.80
CA PHE D 126 -14.28 12.58 -36.06
C PHE D 126 -15.30 12.21 -34.99
N PRO D 127 -16.48 11.70 -35.37
CA PRO D 127 -17.49 11.37 -34.38
C PRO D 127 -17.09 10.16 -33.56
N LEU D 128 -17.33 10.24 -32.26
CA LEU D 128 -17.22 9.07 -31.37
C LEU D 128 -18.62 8.51 -31.21
N ALA D 129 -19.02 7.70 -32.19
CA ALA D 129 -20.40 7.25 -32.28
C ALA D 129 -20.74 6.32 -31.12
N PRO D 130 -21.90 6.47 -30.50
CA PRO D 130 -22.30 5.53 -29.46
C PRO D 130 -22.78 4.22 -30.05
N SER D 131 -22.55 3.15 -29.31
CA SER D 131 -22.80 1.79 -29.76
C SER D 131 -23.14 0.98 -28.52
N SER D 132 -23.05 -0.35 -28.63
CA SER D 132 -23.13 -1.18 -27.44
C SER D 132 -21.75 -1.53 -26.87
N LYS D 133 -20.67 -1.00 -27.46
CA LYS D 133 -19.40 -0.93 -26.75
C LYS D 133 -19.26 0.33 -25.90
N SER D 134 -19.98 1.39 -26.25
CA SER D 134 -19.97 2.63 -25.49
C SER D 134 -21.25 2.82 -24.68
N THR D 135 -22.07 1.79 -24.56
CA THR D 135 -23.17 1.76 -23.62
C THR D 135 -22.85 0.81 -22.47
N SER D 136 -23.32 1.16 -21.28
CA SER D 136 -23.20 0.31 -20.11
C SER D 136 -24.51 -0.40 -19.80
N GLY D 137 -25.63 0.16 -20.23
CA GLY D 137 -26.95 -0.41 -19.98
C GLY D 137 -27.96 0.70 -19.80
N GLY D 138 -27.69 1.63 -18.88
CA GLY D 138 -28.61 2.71 -18.60
C GLY D 138 -28.31 3.99 -19.36
N THR D 139 -27.04 4.38 -19.39
CA THR D 139 -26.61 5.60 -20.05
C THR D 139 -25.61 5.26 -21.14
N ALA D 140 -25.53 6.13 -22.15
CA ALA D 140 -24.67 5.92 -23.31
C ALA D 140 -23.72 7.09 -23.48
N ALA D 141 -22.50 6.79 -23.90
CA ALA D 141 -21.45 7.78 -24.08
C ALA D 141 -21.20 8.02 -25.56
N LEU D 142 -21.04 9.30 -25.92
CA LEU D 142 -20.65 9.69 -27.26
C LEU D 142 -19.77 10.92 -27.15
N GLY D 143 -19.07 11.23 -28.23
CA GLY D 143 -18.21 12.39 -28.21
C GLY D 143 -17.62 12.73 -29.56
N CYS D 144 -16.57 13.55 -29.52
CA CYS D 144 -15.91 14.04 -30.71
C CYS D 144 -14.41 13.98 -30.51
N LEU D 145 -13.70 13.62 -31.58
CA LEU D 145 -12.24 13.58 -31.60
C LEU D 145 -11.75 14.75 -32.44
N VAL D 146 -11.09 15.71 -31.79
CA VAL D 146 -10.50 16.86 -32.47
C VAL D 146 -9.02 16.56 -32.64
N LYS D 147 -8.58 16.32 -33.88
CA LYS D 147 -7.28 15.71 -34.11
C LYS D 147 -6.43 16.52 -35.08
N ASP D 148 -5.12 16.48 -34.82
CA ASP D 148 -4.08 17.11 -35.65
C ASP D 148 -4.39 18.58 -35.94
N TYR D 149 -4.28 19.39 -34.89
CA TYR D 149 -4.39 20.84 -35.02
C TYR D 149 -3.21 21.51 -34.32
N PHE D 150 -3.02 22.79 -34.65
CA PHE D 150 -1.94 23.61 -34.10
C PHE D 150 -2.29 25.07 -34.29
N PRO D 151 -2.06 25.94 -33.30
CA PRO D 151 -1.56 25.67 -31.95
C PRO D 151 -2.66 25.23 -30.99
N GLU D 152 -2.42 25.40 -29.68
CA GLU D 152 -3.27 24.75 -28.69
C GLU D 152 -4.72 25.26 -28.68
N PRO D 153 -5.00 26.57 -28.65
CA PRO D 153 -6.35 27.01 -28.27
C PRO D 153 -7.44 26.47 -29.19
N VAL D 154 -8.35 25.69 -28.60
CA VAL D 154 -9.50 25.13 -29.30
C VAL D 154 -10.66 25.02 -28.31
N THR D 155 -11.84 25.47 -28.71
CA THR D 155 -13.03 25.41 -27.87
C THR D 155 -14.06 24.47 -28.47
N VAL D 156 -14.65 23.62 -27.63
CA VAL D 156 -15.65 22.65 -28.05
C VAL D 156 -16.88 22.79 -27.17
N SER D 157 -18.03 22.96 -27.79
CA SER D 157 -19.31 22.98 -27.11
C SER D 157 -20.23 21.96 -27.76
N TRP D 158 -21.37 21.71 -27.11
CA TRP D 158 -22.32 20.69 -27.56
C TRP D 158 -23.69 21.30 -27.78
N ASN D 159 -24.29 21.00 -28.93
CA ASN D 159 -25.57 21.57 -29.35
C ASN D 159 -25.61 23.08 -29.13
N SER D 160 -24.52 23.74 -29.52
CA SER D 160 -24.35 25.18 -29.40
C SER D 160 -24.72 25.68 -28.00
N GLY D 161 -24.21 24.98 -26.99
CA GLY D 161 -24.35 25.40 -25.62
C GLY D 161 -25.61 24.93 -24.92
N ALA D 162 -26.51 24.24 -25.63
CA ALA D 162 -27.74 23.75 -25.00
C ALA D 162 -27.46 22.58 -24.07
N LEU D 163 -26.38 21.86 -24.32
CA LEU D 163 -26.06 20.64 -23.59
C LEU D 163 -24.85 20.89 -22.70
N THR D 164 -25.04 20.72 -21.40
CA THR D 164 -23.99 20.76 -20.40
C THR D 164 -23.95 19.50 -19.57
N SER D 165 -25.01 18.69 -19.61
CA SER D 165 -25.06 17.41 -18.92
C SER D 165 -23.83 16.57 -19.20
N GLY D 166 -23.16 16.14 -18.14
CA GLY D 166 -22.20 15.06 -18.25
C GLY D 166 -21.08 15.29 -19.22
N VAL D 167 -20.82 16.55 -19.61
CA VAL D 167 -19.80 16.81 -20.61
C VAL D 167 -18.44 16.87 -19.95
N HIS D 168 -17.45 16.32 -20.65
CA HIS D 168 -16.06 16.36 -20.22
C HIS D 168 -15.21 16.61 -21.46
N THR D 169 -14.57 17.76 -21.52
CA THR D 169 -13.62 18.08 -22.57
C THR D 169 -12.21 17.95 -21.98
N PHE D 170 -11.51 16.92 -22.40
CA PHE D 170 -10.22 16.63 -21.81
C PHE D 170 -9.13 17.55 -22.35
N PRO D 171 -8.12 17.84 -21.54
CA PRO D 171 -6.99 18.63 -22.03
C PRO D 171 -6.35 17.99 -23.25
N ALA D 172 -5.96 18.82 -24.21
CA ALA D 172 -5.26 18.32 -25.38
C ALA D 172 -3.86 17.85 -25.00
N VAL D 173 -3.36 16.87 -25.74
CA VAL D 173 -2.00 16.38 -25.55
C VAL D 173 -1.23 16.55 -26.84
N LEU D 174 0.07 16.84 -26.70
CA LEU D 174 0.95 17.07 -27.84
C LEU D 174 1.50 15.73 -28.32
N GLN D 175 1.23 15.40 -29.58
CA GLN D 175 1.65 14.13 -30.14
C GLN D 175 3.09 14.23 -30.67
N SER D 176 3.62 13.11 -31.15
CA SER D 176 4.95 13.12 -31.74
C SER D 176 4.97 13.89 -33.05
N SER D 177 3.83 13.97 -33.74
CA SER D 177 3.61 14.89 -34.84
C SER D 177 4.17 16.27 -34.55
N GLY D 178 3.98 16.74 -33.33
CA GLY D 178 4.03 18.16 -33.03
C GLY D 178 2.67 18.82 -33.08
N LEU D 179 1.60 18.04 -33.25
CA LEU D 179 0.24 18.52 -33.35
C LEU D 179 -0.55 18.12 -32.10
N TYR D 180 -1.58 18.90 -31.80
CA TYR D 180 -2.42 18.63 -30.65
C TYR D 180 -3.63 17.81 -31.07
N SER D 181 -4.12 16.99 -30.14
CA SER D 181 -5.38 16.28 -30.33
C SER D 181 -6.17 16.30 -29.03
N LEU D 182 -7.49 16.31 -29.16
CA LEU D 182 -8.37 16.54 -28.03
C LEU D 182 -9.66 15.76 -28.24
N SER D 183 -10.33 15.45 -27.13
CA SER D 183 -11.57 14.69 -27.17
C SER D 183 -12.59 15.31 -26.22
N SER D 184 -13.81 15.49 -26.70
CA SER D 184 -14.94 15.94 -25.90
C SER D 184 -15.99 14.83 -25.91
N VAL D 185 -16.49 14.47 -24.72
CA VAL D 185 -17.47 13.39 -24.62
C VAL D 185 -18.64 13.81 -23.74
N VAL D 186 -19.76 13.08 -23.92
CA VAL D 186 -21.00 13.31 -23.20
C VAL D 186 -21.61 11.96 -22.84
N THR D 187 -22.30 11.91 -21.71
CA THR D 187 -23.08 10.75 -21.32
C THR D 187 -24.54 11.14 -21.26
N VAL D 188 -25.36 10.41 -22.01
CA VAL D 188 -26.80 10.66 -22.04
C VAL D 188 -27.49 9.31 -21.84
N PRO D 189 -28.74 9.32 -21.39
CA PRO D 189 -29.49 8.06 -21.41
C PRO D 189 -29.67 7.64 -22.85
N SER D 190 -29.74 6.34 -23.08
CA SER D 190 -29.92 5.88 -24.45
C SER D 190 -31.36 6.02 -24.92
N SER D 191 -32.29 6.30 -24.00
CA SER D 191 -33.59 6.80 -24.40
C SER D 191 -33.45 7.95 -25.40
N SER D 192 -32.67 8.97 -25.02
CA SER D 192 -32.21 10.03 -25.89
C SER D 192 -31.79 9.56 -27.30
N LEU D 193 -31.00 8.48 -27.38
CA LEU D 193 -30.17 8.23 -28.57
C LEU D 193 -30.96 8.25 -29.87
N GLY D 194 -32.10 7.57 -29.90
CA GLY D 194 -32.87 7.49 -31.14
C GLY D 194 -33.53 8.79 -31.55
N THR D 195 -34.04 9.55 -30.59
CA THR D 195 -34.79 10.76 -30.90
C THR D 195 -33.91 12.01 -31.04
N GLN D 196 -33.10 12.30 -30.02
CA GLN D 196 -32.42 13.58 -29.95
C GLN D 196 -31.24 13.63 -30.92
N THR D 197 -30.86 14.85 -31.28
CA THR D 197 -29.72 15.12 -32.14
C THR D 197 -28.58 15.71 -31.32
N TYR D 198 -27.37 15.16 -31.51
CA TYR D 198 -26.19 15.54 -30.75
C TYR D 198 -25.14 16.10 -31.69
N ILE D 199 -24.73 17.34 -31.46
CA ILE D 199 -23.76 18.02 -32.31
C ILE D 199 -22.71 18.66 -31.42
N CYS D 200 -21.44 18.44 -31.75
CA CYS D 200 -20.33 19.11 -31.09
C CYS D 200 -19.84 20.24 -31.99
N ASN D 201 -19.65 21.42 -31.40
CA ASN D 201 -19.22 22.61 -32.12
C ASN D 201 -17.77 22.89 -31.74
N VAL D 202 -16.88 22.74 -32.72
CA VAL D 202 -15.44 22.89 -32.52
C VAL D 202 -14.99 24.13 -33.27
N ASN D 203 -14.24 24.98 -32.59
CA ASN D 203 -13.73 26.22 -33.17
C ASN D 203 -12.23 26.27 -32.95
N HIS D 204 -11.47 26.44 -34.04
CA HIS D 204 -10.02 26.64 -33.97
C HIS D 204 -9.73 27.97 -34.67
N LYS D 205 -9.58 29.03 -33.90
CA LYS D 205 -9.50 30.39 -34.41
C LYS D 205 -8.14 30.81 -34.98
N PRO D 206 -7.02 30.15 -34.66
CA PRO D 206 -5.81 30.36 -35.47
C PRO D 206 -5.96 29.86 -36.90
N SER D 207 -6.84 28.89 -37.14
CA SER D 207 -7.17 28.45 -38.48
C SER D 207 -8.46 29.09 -39.00
N ASN D 208 -9.24 29.73 -38.13
CA ASN D 208 -10.58 30.20 -38.47
C ASN D 208 -11.44 29.04 -38.95
N THR D 209 -11.35 27.92 -38.25
CA THR D 209 -12.08 26.70 -38.56
C THR D 209 -13.19 26.49 -37.54
N LYS D 210 -14.43 26.46 -38.01
CA LYS D 210 -15.59 26.17 -37.19
C LYS D 210 -16.28 24.93 -37.74
N VAL D 211 -16.38 23.89 -36.92
CA VAL D 211 -16.92 22.60 -37.34
C VAL D 211 -18.14 22.27 -36.48
N ASP D 212 -19.24 21.94 -37.14
CA ASP D 212 -20.43 21.40 -36.48
C ASP D 212 -20.61 19.97 -36.98
N LYS D 213 -20.26 19.01 -36.15
CA LYS D 213 -20.36 17.59 -36.49
C LYS D 213 -21.40 16.96 -35.59
N LYS D 214 -22.32 16.21 -36.17
CA LYS D 214 -23.28 15.46 -35.39
C LYS D 214 -22.77 14.04 -35.22
N VAL D 215 -23.06 13.46 -34.07
CA VAL D 215 -22.61 12.12 -33.73
C VAL D 215 -23.84 11.21 -33.74
N GLU D 216 -24.02 10.40 -34.78
CA GLU D 216 -25.08 9.41 -34.68
C GLU D 216 -24.44 8.03 -34.62
N GLU D 217 -25.19 7.07 -34.08
CA GLU D 217 -24.67 5.72 -33.87
C GLU D 217 -24.60 4.93 -35.17
#